data_3QIU
#
_entry.id   3QIU
#
_cell.length_a   72.790
_cell.length_b   71.400
_cell.length_c   106.070
_cell.angle_alpha   90.000
_cell.angle_beta   90.750
_cell.angle_gamma   90.000
#
_symmetry.space_group_name_H-M   'P 1 21 1'
#
loop_
_entity.id
_entity.type
_entity.pdbx_description
1 polymer 'H-2 CLASS II HISTOCOMPATIBILITY ANTIGEN, E-K alpha chain'
2 polymer 'MHC CLASS II H2-IA-BETA CHAIN'
3 polymer 'TCR 226 alpha chain'
4 polymer 'TCR 226 beta chain'
5 polymer 'MCC peptide'
6 non-polymer 2-acetamido-2-deoxy-beta-D-glucopyranose
7 water water
#
loop_
_entity_poly.entity_id
_entity_poly.type
_entity_poly.pdbx_seq_one_letter_code
_entity_poly.pdbx_strand_id
1 'polypeptide(L)'
;EEHTIIQAEFYLLPDKRGEFMFDFDGDEIFHVDIEKSETIWRLEEFAKFASFEAQGALANIAVDKANLDVMKERSNNTPD
ANVAPEVTVLSRSPVNLGEPNILICFIDKFSPPVVNVTWLRNGRPVTEGVSETVFLPRDDHLFRKFHYLTFLPSTDDFYD
CEVDHWGLEEPLRKHWEFE
;
A
2 'polypeptide(L)'
;SRPWFLEYCKSECHFYNGTQRVRLLVRYFYNLEENLRFDSDVGEFRAVTELGRPDAENWNSQPEFLEQKRAEVDTVCRHN
YEIFDNFLVPRRVEPTVTVYPTKTQPLEHHNLLVCSVSDFYPGNIEVRWFRNGKEEKTGIVSTGLVRNGDWTFQTLVMLE
TVPQSGEVYTCQVEHPSLTDPVTVEWKAQSTSAQNK
;
B
3 'polypeptide(L)'
;MRGDQVEQSPSALSLHEGTGSALRCNFTTTMRAVQWFRKNSRGSLINLFYLASGTKENGRLKSAFDSKERYSTLHIRDAQ
LEDSGTYFCAAEPSSGQKLVFGQGTILKVYLHIQNPDPAVYQLRDSKSSDKSVCLFTDFDSQTNVSQSKDSDVYITDKCV
LDMRSMDFKSNSAVAWSNKSDFACANAFNNSIIPEDTFFPSPESS
;
C
4 'polypeptide(L)'
;MKVIQTPRYLVKGQGQKAKMRCIPEKGHPVVFWYQQNKNNEFKFLINFQNQEVLQQIDMTEKRFSAECPSNSPCSLEIQS
SEAGDSALYLCASSLNNANSDYTFGSGTRLLVIEDLKNVFPPEVAVFEPSEAEISHTQKATLVCLATGFYPDHVELSWWV
NGKEVHSGVCTDPQPLKEQPALNDSRYALSSRLRVSATFWQNPRNHFRCQVQFYGLSENDEWTQDRAKPVTQIVSAEAWG
RAD
;
D
5 'polypeptide(L)' ADLIAYLKQATKG E
#
# COMPACT_ATOMS: atom_id res chain seq x y z
N GLU A 1 -3.57 -21.89 25.89
CA GLU A 1 -4.27 -21.07 24.92
C GLU A 1 -3.91 -21.47 23.48
N GLU A 2 -4.58 -22.49 22.97
CA GLU A 2 -4.36 -22.94 21.60
C GLU A 2 -5.50 -22.49 20.70
N HIS A 3 -5.24 -21.49 19.85
CA HIS A 3 -6.28 -20.91 19.02
C HIS A 3 -5.90 -20.83 17.55
N THR A 4 -6.88 -20.55 16.70
CA THR A 4 -6.65 -20.44 15.27
C THR A 4 -7.50 -19.34 14.64
N ILE A 5 -6.84 -18.41 13.95
CA ILE A 5 -7.52 -17.35 13.23
C ILE A 5 -7.36 -17.57 11.73
N ILE A 6 -8.48 -17.55 11.01
CA ILE A 6 -8.44 -17.83 9.59
C ILE A 6 -9.05 -16.70 8.76
N GLN A 7 -8.22 -16.09 7.92
CA GLN A 7 -8.72 -15.16 6.90
C GLN A 7 -9.09 -15.96 5.66
N ALA A 8 -10.38 -16.19 5.47
CA ALA A 8 -10.86 -16.99 4.35
C ALA A 8 -11.47 -16.12 3.25
N GLU A 9 -10.94 -16.24 2.04
CA GLU A 9 -11.44 -15.47 0.91
C GLU A 9 -11.47 -16.33 -0.36
N PHE A 10 -12.30 -15.94 -1.32
CA PHE A 10 -12.39 -16.68 -2.58
C PHE A 10 -13.12 -15.91 -3.66
N TYR A 11 -13.00 -16.41 -4.90
CA TYR A 11 -13.82 -15.92 -6.00
C TYR A 11 -14.34 -17.11 -6.80
N LEU A 12 -15.61 -17.03 -7.23
CA LEU A 12 -16.26 -18.15 -7.90
C LEU A 12 -16.85 -17.78 -9.26
N LEU A 13 -16.56 -18.59 -10.26
CA LEU A 13 -17.15 -18.45 -11.58
C LEU A 13 -17.97 -19.69 -11.92
N PRO A 14 -18.98 -19.56 -12.78
CA PRO A 14 -19.34 -18.34 -13.52
C PRO A 14 -20.29 -17.41 -12.77
N ASP A 15 -20.48 -17.66 -11.47
CA ASP A 15 -21.43 -16.88 -10.69
C ASP A 15 -20.95 -15.47 -10.41
N LYS A 16 -19.65 -15.25 -10.56
CA LYS A 16 -19.06 -13.93 -10.30
C LYS A 16 -19.38 -13.45 -8.88
N ARG A 17 -19.12 -14.31 -7.89
CA ARG A 17 -19.34 -13.97 -6.49
C ARG A 17 -18.07 -14.20 -5.69
N GLY A 18 -17.78 -13.26 -4.78
CA GLY A 18 -16.61 -13.36 -3.93
C GLY A 18 -16.96 -13.28 -2.46
N GLU A 19 -15.97 -13.49 -1.60
CA GLU A 19 -16.17 -13.42 -0.16
C GLU A 19 -14.87 -13.15 0.58
N PHE A 20 -14.98 -12.43 1.68
CA PHE A 20 -13.84 -12.16 2.54
C PHE A 20 -14.32 -12.14 3.99
N MET A 21 -13.93 -13.15 4.75
CA MET A 21 -14.37 -13.26 6.14
C MET A 21 -13.22 -13.68 7.04
N PHE A 22 -13.40 -13.45 8.34
CA PHE A 22 -12.44 -13.91 9.33
C PHE A 22 -13.08 -14.96 10.22
N ASP A 23 -12.27 -15.87 10.75
CA ASP A 23 -12.77 -17.01 11.52
C ASP A 23 -11.90 -17.25 12.73
N PHE A 24 -12.54 -17.46 13.88
CA PHE A 24 -11.83 -17.71 15.12
C PHE A 24 -12.31 -19.00 15.79
N ASP A 25 -11.42 -19.98 15.86
CA ASP A 25 -11.74 -21.26 16.49
C ASP A 25 -13.01 -21.87 15.91
N GLY A 26 -13.30 -21.56 14.65
CA GLY A 26 -14.44 -22.15 13.96
C GLY A 26 -15.63 -21.23 13.79
N ASP A 27 -15.63 -20.10 14.50
CA ASP A 27 -16.74 -19.16 14.41
C ASP A 27 -16.35 -17.89 13.67
N GLU A 28 -17.30 -17.36 12.90
CA GLU A 28 -17.06 -16.15 12.13
C GLU A 28 -16.92 -14.92 13.04
N ILE A 29 -15.85 -14.16 12.83
CA ILE A 29 -15.68 -12.89 13.53
C ILE A 29 -16.45 -11.81 12.77
N PHE A 30 -16.18 -11.73 11.47
CA PHE A 30 -16.89 -10.82 10.60
C PHE A 30 -16.71 -11.26 9.15
N HIS A 31 -17.36 -10.55 8.24
CA HIS A 31 -17.08 -10.67 6.83
C HIS A 31 -17.35 -9.31 6.22
N VAL A 32 -17.00 -9.15 4.96
CA VAL A 32 -17.23 -7.89 4.28
C VAL A 32 -18.31 -8.01 3.22
N ASP A 33 -19.37 -7.21 3.35
CA ASP A 33 -20.38 -7.12 2.32
C ASP A 33 -19.75 -6.42 1.13
N ILE A 34 -19.37 -7.17 0.11
CA ILE A 34 -18.65 -6.59 -1.01
C ILE A 34 -19.46 -5.53 -1.73
N GLU A 35 -20.75 -5.78 -1.95
CA GLU A 35 -21.58 -4.81 -2.64
C GLU A 35 -21.75 -3.48 -1.90
N LYS A 36 -21.98 -3.55 -0.59
CA LYS A 36 -22.15 -2.34 0.21
C LYS A 36 -20.81 -1.86 0.73
N SER A 37 -19.79 -2.68 0.51
CA SER A 37 -18.42 -2.38 0.94
C SER A 37 -18.35 -1.98 2.41
N GLU A 38 -18.75 -2.87 3.30
CA GLU A 38 -18.67 -2.60 4.73
C GLU A 38 -18.45 -3.85 5.57
N THR A 39 -17.88 -3.67 6.75
CA THR A 39 -17.62 -4.78 7.65
C THR A 39 -18.87 -5.16 8.42
N ILE A 40 -19.28 -6.41 8.30
CA ILE A 40 -20.42 -6.93 9.03
C ILE A 40 -19.94 -7.84 10.15
N TRP A 41 -20.12 -7.42 11.40
CA TRP A 41 -19.69 -8.22 12.54
C TRP A 41 -20.70 -9.33 12.81
N ARG A 42 -20.20 -10.53 13.10
CA ARG A 42 -21.06 -11.67 13.38
C ARG A 42 -21.93 -11.38 14.60
N LEU A 43 -21.31 -10.89 15.66
CA LEU A 43 -22.04 -10.39 16.81
C LEU A 43 -21.83 -8.89 16.94
N GLU A 44 -22.92 -8.17 17.21
CA GLU A 44 -22.92 -6.71 17.26
C GLU A 44 -21.94 -6.15 18.30
N GLU A 45 -21.66 -6.93 19.33
CA GLU A 45 -20.81 -6.48 20.43
C GLU A 45 -19.34 -6.46 20.06
N PHE A 46 -19.01 -7.04 18.90
CA PHE A 46 -17.62 -7.08 18.44
C PHE A 46 -17.14 -5.71 17.99
N ALA A 47 -18.06 -4.92 17.43
CA ALA A 47 -17.70 -3.62 16.85
C ALA A 47 -16.99 -2.70 17.84
N LYS A 48 -17.25 -2.90 19.12
CA LYS A 48 -16.68 -2.03 20.15
C LYS A 48 -15.23 -2.35 20.45
N PHE A 49 -14.80 -3.54 20.03
CA PHE A 49 -13.45 -4.01 20.37
C PHE A 49 -12.48 -4.00 19.21
N ALA A 50 -12.98 -3.76 18.00
CA ALA A 50 -12.12 -3.79 16.83
C ALA A 50 -12.75 -3.15 15.61
N SER A 51 -11.94 -2.97 14.56
CA SER A 51 -12.41 -2.43 13.31
C SER A 51 -11.64 -3.03 12.15
N PHE A 52 -12.22 -2.96 10.96
CA PHE A 52 -11.54 -3.44 9.76
C PHE A 52 -11.97 -2.64 8.55
N GLU A 53 -11.00 -2.01 7.88
CA GLU A 53 -11.28 -1.26 6.67
C GLU A 53 -11.72 -2.21 5.56
N ALA A 54 -12.98 -2.11 5.17
CA ALA A 54 -13.56 -3.02 4.17
C ALA A 54 -12.83 -2.95 2.83
N GLN A 55 -12.22 -1.80 2.56
CA GLN A 55 -11.53 -1.59 1.28
C GLN A 55 -10.51 -2.70 0.99
N GLY A 56 -9.72 -3.07 1.99
CA GLY A 56 -8.75 -4.13 1.84
C GLY A 56 -9.34 -5.42 1.30
N ALA A 57 -10.54 -5.75 1.76
CA ALA A 57 -11.21 -6.98 1.34
C ALA A 57 -11.59 -6.93 -0.14
N LEU A 58 -12.14 -5.79 -0.58
CA LEU A 58 -12.51 -5.63 -1.98
C LEU A 58 -11.27 -5.71 -2.86
N ALA A 59 -10.15 -5.19 -2.35
CA ALA A 59 -8.89 -5.23 -3.06
C ALA A 59 -8.43 -6.67 -3.25
N ASN A 60 -8.33 -7.40 -2.16
CA ASN A 60 -7.99 -8.82 -2.21
C ASN A 60 -8.87 -9.58 -3.20
N ILE A 61 -10.17 -9.36 -3.10
CA ILE A 61 -11.13 -9.99 -4.00
C ILE A 61 -10.75 -9.77 -5.46
N ALA A 62 -10.54 -8.52 -5.84
CA ALA A 62 -10.16 -8.19 -7.20
C ALA A 62 -8.95 -9.02 -7.64
N VAL A 63 -8.00 -9.20 -6.73
CA VAL A 63 -6.81 -9.99 -7.02
C VAL A 63 -7.17 -11.47 -7.12
N ASP A 64 -8.10 -11.91 -6.29
CA ASP A 64 -8.62 -13.28 -6.37
C ASP A 64 -9.26 -13.52 -7.74
N LYS A 65 -9.99 -12.52 -8.22
CA LYS A 65 -10.61 -12.59 -9.54
C LYS A 65 -9.54 -12.82 -10.58
N ALA A 66 -8.49 -11.99 -10.53
CA ALA A 66 -7.39 -12.08 -11.47
C ALA A 66 -6.75 -13.46 -11.41
N ASN A 67 -6.38 -13.89 -10.20
CA ASN A 67 -5.77 -15.19 -10.00
C ASN A 67 -6.61 -16.34 -10.53
N LEU A 68 -7.94 -16.23 -10.39
CA LEU A 68 -8.84 -17.27 -10.87
C LEU A 68 -8.70 -17.47 -12.37
N ASP A 69 -8.66 -16.38 -13.12
CA ASP A 69 -8.44 -16.45 -14.56
C ASP A 69 -7.12 -17.16 -14.86
N VAL A 70 -6.09 -16.84 -14.08
CA VAL A 70 -4.80 -17.51 -14.21
C VAL A 70 -4.96 -19.00 -13.99
N MET A 71 -5.59 -19.38 -12.88
CA MET A 71 -5.78 -20.79 -12.54
C MET A 71 -6.59 -21.54 -13.59
N LYS A 72 -7.55 -20.87 -14.20
CA LYS A 72 -8.39 -21.51 -15.22
C LYS A 72 -7.60 -21.83 -16.47
N GLU A 73 -6.76 -20.89 -16.90
CA GLU A 73 -5.96 -21.09 -18.10
C GLU A 73 -4.86 -22.12 -17.87
N ARG A 74 -4.38 -22.19 -16.63
CA ARG A 74 -3.32 -23.12 -16.27
C ARG A 74 -3.81 -24.57 -16.30
N SER A 75 -5.09 -24.77 -16.02
CA SER A 75 -5.67 -26.11 -15.98
C SER A 75 -6.52 -26.42 -17.21
N ASN A 76 -6.36 -25.62 -18.26
CA ASN A 76 -7.09 -25.82 -19.51
C ASN A 76 -8.60 -25.68 -19.34
N ASN A 77 -8.99 -25.02 -18.25
CA ASN A 77 -10.41 -24.86 -17.91
C ASN A 77 -11.04 -26.18 -17.48
N THR A 78 -10.21 -27.12 -17.04
CA THR A 78 -10.68 -28.45 -16.65
C THR A 78 -11.63 -28.39 -15.45
N PRO A 79 -12.93 -28.64 -15.70
CA PRO A 79 -13.97 -28.62 -14.67
C PRO A 79 -13.78 -29.70 -13.64
N ASP A 80 -14.62 -29.69 -12.62
CA ASP A 80 -14.50 -30.63 -11.52
C ASP A 80 -15.89 -30.95 -10.96
N ALA A 81 -16.04 -32.16 -10.42
CA ALA A 81 -17.33 -32.61 -9.89
C ALA A 81 -17.79 -31.73 -8.73
N ASN A 82 -19.11 -31.65 -8.57
CA ASN A 82 -19.69 -30.92 -7.44
C ASN A 82 -19.82 -31.82 -6.22
N VAL A 83 -19.75 -31.23 -5.03
CA VAL A 83 -19.92 -31.98 -3.80
C VAL A 83 -21.18 -31.52 -3.06
N ALA A 84 -22.17 -32.41 -2.98
CA ALA A 84 -23.45 -32.09 -2.37
C ALA A 84 -23.38 -31.99 -0.84
N PRO A 85 -24.17 -31.09 -0.25
CA PRO A 85 -24.16 -30.81 1.18
C PRO A 85 -24.97 -31.82 1.98
N GLU A 86 -24.68 -31.90 3.28
CA GLU A 86 -25.48 -32.67 4.21
C GLU A 86 -26.30 -31.72 5.07
N VAL A 87 -27.62 -31.76 4.92
CA VAL A 87 -28.49 -30.82 5.62
C VAL A 87 -29.01 -31.42 6.93
N THR A 88 -29.07 -30.59 7.97
CA THR A 88 -29.54 -31.02 9.27
C THR A 88 -30.34 -29.89 9.93
N VAL A 89 -31.49 -30.24 10.49
CA VAL A 89 -32.34 -29.26 11.16
C VAL A 89 -32.51 -29.60 12.63
N LEU A 90 -32.39 -28.59 13.48
CA LEU A 90 -32.60 -28.78 14.91
C LEU A 90 -32.81 -27.43 15.60
N SER A 91 -33.61 -27.43 16.65
CA SER A 91 -33.86 -26.21 17.40
C SER A 91 -32.61 -25.76 18.13
N ARG A 92 -32.60 -24.51 18.56
CA ARG A 92 -31.46 -23.95 19.28
C ARG A 92 -31.54 -24.31 20.76
N SER A 93 -32.76 -24.48 21.25
CA SER A 93 -32.98 -24.82 22.65
C SER A 93 -34.03 -25.91 22.75
N PRO A 94 -34.24 -26.46 23.97
CA PRO A 94 -35.37 -27.36 24.18
C PRO A 94 -36.67 -26.66 23.80
N VAL A 95 -37.53 -27.36 23.07
CA VAL A 95 -38.73 -26.74 22.51
C VAL A 95 -39.96 -26.85 23.41
N ASN A 96 -40.53 -25.71 23.75
CA ASN A 96 -41.75 -25.64 24.56
C ASN A 96 -42.87 -24.92 23.81
N LEU A 97 -44.04 -25.56 23.74
CA LEU A 97 -45.20 -24.96 23.08
C LEU A 97 -45.45 -23.55 23.61
N GLY A 98 -45.59 -22.60 22.70
CA GLY A 98 -45.90 -21.22 23.06
C GLY A 98 -44.69 -20.40 23.44
N GLU A 99 -43.56 -21.07 23.63
CA GLU A 99 -42.32 -20.41 24.02
C GLU A 99 -41.41 -20.16 22.80
N PRO A 100 -41.18 -18.89 22.47
CA PRO A 100 -40.36 -18.52 21.31
C PRO A 100 -39.05 -19.31 21.25
N ASN A 101 -38.74 -19.84 20.07
CA ASN A 101 -37.50 -20.58 19.88
C ASN A 101 -36.87 -20.27 18.52
N ILE A 102 -35.89 -21.07 18.12
CA ILE A 102 -35.19 -20.85 16.86
C ILE A 102 -34.82 -22.17 16.18
N LEU A 103 -35.14 -22.29 14.90
CA LEU A 103 -34.73 -23.46 14.13
C LEU A 103 -33.43 -23.19 13.40
N ILE A 104 -32.54 -24.16 13.42
CA ILE A 104 -31.25 -24.03 12.77
C ILE A 104 -31.12 -25.02 11.61
N CYS A 105 -30.93 -24.49 10.40
CA CYS A 105 -30.65 -25.34 9.26
C CYS A 105 -29.14 -25.35 9.01
N PHE A 106 -28.54 -26.53 9.17
CA PHE A 106 -27.09 -26.65 9.04
C PHE A 106 -26.70 -27.34 7.74
N ILE A 107 -26.10 -26.57 6.84
CA ILE A 107 -25.62 -27.07 5.56
C ILE A 107 -24.11 -27.23 5.62
N ASP A 108 -23.63 -28.45 5.45
CA ASP A 108 -22.21 -28.74 5.67
C ASP A 108 -21.56 -29.60 4.59
N LYS A 109 -20.23 -29.59 4.57
CA LYS A 109 -19.44 -30.43 3.67
C LYS A 109 -19.86 -30.32 2.22
N PHE A 110 -19.86 -29.10 1.68
CA PHE A 110 -20.25 -28.90 0.28
C PHE A 110 -19.37 -27.89 -0.45
N SER A 111 -19.42 -27.95 -1.77
CA SER A 111 -18.72 -27.01 -2.63
C SER A 111 -19.12 -27.28 -4.09
N PRO A 112 -19.18 -26.23 -4.92
CA PRO A 112 -18.77 -24.84 -4.64
C PRO A 112 -19.64 -24.13 -3.60
N PRO A 113 -19.17 -23.00 -3.07
CA PRO A 113 -19.90 -22.21 -2.07
C PRO A 113 -21.01 -21.39 -2.69
N VAL A 114 -22.05 -22.07 -3.19
CA VAL A 114 -23.23 -21.38 -3.70
C VAL A 114 -24.46 -22.29 -3.60
N VAL A 115 -25.43 -21.86 -2.80
CA VAL A 115 -26.66 -22.62 -2.57
C VAL A 115 -27.84 -21.70 -2.42
N ASN A 116 -29.03 -22.17 -2.79
CA ASN A 116 -30.25 -21.47 -2.45
C ASN A 116 -30.96 -22.22 -1.33
N VAL A 117 -31.31 -21.50 -0.27
CA VAL A 117 -32.00 -22.10 0.86
C VAL A 117 -33.38 -21.48 1.04
N THR A 118 -34.36 -22.31 1.34
CA THR A 118 -35.72 -21.84 1.55
C THR A 118 -36.33 -22.48 2.80
N TRP A 119 -36.78 -21.64 3.72
CA TRP A 119 -37.51 -22.12 4.88
C TRP A 119 -38.97 -22.33 4.49
N LEU A 120 -39.55 -23.42 4.95
CA LEU A 120 -40.94 -23.73 4.66
C LEU A 120 -41.73 -23.96 5.95
N ARG A 121 -42.80 -23.20 6.13
CA ARG A 121 -43.76 -23.47 7.18
C ARG A 121 -45.04 -23.99 6.54
N ASN A 122 -45.35 -25.26 6.81
CA ASN A 122 -46.55 -25.87 6.25
C ASN A 122 -46.56 -25.78 4.73
N GLY A 123 -45.40 -26.01 4.12
CA GLY A 123 -45.27 -26.02 2.68
C GLY A 123 -45.10 -24.65 2.06
N ARG A 124 -45.27 -23.60 2.86
CA ARG A 124 -45.14 -22.25 2.36
C ARG A 124 -43.82 -21.58 2.77
N PRO A 125 -43.09 -21.03 1.78
CA PRO A 125 -41.84 -20.31 2.02
C PRO A 125 -41.99 -19.23 3.09
N VAL A 126 -40.93 -19.00 3.85
CA VAL A 126 -40.95 -18.03 4.94
C VAL A 126 -39.91 -16.95 4.71
N THR A 127 -40.34 -15.70 4.76
CA THR A 127 -39.44 -14.57 4.53
C THR A 127 -39.35 -13.68 5.77
N GLU A 128 -40.02 -14.08 6.84
CA GLU A 128 -40.03 -13.30 8.07
C GLU A 128 -39.30 -14.03 9.18
N GLY A 129 -38.38 -13.32 9.85
CA GLY A 129 -37.62 -13.90 10.94
C GLY A 129 -36.62 -14.93 10.47
N VAL A 130 -36.12 -14.76 9.24
CA VAL A 130 -35.13 -15.66 8.70
C VAL A 130 -33.76 -15.00 8.60
N SER A 131 -32.75 -15.68 9.14
CA SER A 131 -31.37 -15.22 9.06
C SER A 131 -30.53 -16.23 8.32
N GLU A 132 -29.32 -15.83 7.93
CA GLU A 132 -28.40 -16.75 7.30
C GLU A 132 -26.98 -16.29 7.57
N THR A 133 -26.02 -17.16 7.29
CA THR A 133 -24.62 -16.83 7.45
C THR A 133 -23.96 -16.91 6.08
N VAL A 134 -22.78 -16.32 5.95
CA VAL A 134 -22.00 -16.49 4.73
C VAL A 134 -21.40 -17.90 4.75
N PHE A 135 -20.72 -18.25 3.67
CA PHE A 135 -20.13 -19.58 3.58
C PHE A 135 -18.90 -19.65 4.48
N LEU A 136 -18.98 -20.51 5.49
CA LEU A 136 -17.93 -20.64 6.49
C LEU A 136 -16.94 -21.72 6.07
N PRO A 137 -15.67 -21.54 6.44
CA PRO A 137 -14.61 -22.50 6.11
C PRO A 137 -14.56 -23.66 7.09
N ARG A 138 -14.12 -24.82 6.62
CA ARG A 138 -13.89 -25.97 7.47
C ARG A 138 -12.39 -26.25 7.46
N ASP A 139 -11.97 -27.30 8.16
CA ASP A 139 -10.57 -27.67 8.17
C ASP A 139 -10.18 -28.03 6.74
N ASP A 140 -11.10 -28.71 6.08
CA ASP A 140 -10.92 -29.15 4.70
C ASP A 140 -11.31 -28.07 3.71
N HIS A 141 -11.31 -28.45 2.44
CA HIS A 141 -11.65 -27.59 1.32
C HIS A 141 -13.14 -27.25 1.21
N LEU A 142 -13.99 -27.96 1.96
CA LEU A 142 -15.42 -27.83 1.77
C LEU A 142 -15.99 -26.71 2.64
N PHE A 143 -17.25 -26.35 2.40
CA PHE A 143 -17.85 -25.22 3.09
C PHE A 143 -18.97 -25.61 4.05
N ARG A 144 -19.40 -24.61 4.82
CA ARG A 144 -20.35 -24.79 5.89
C ARG A 144 -21.24 -23.56 5.86
N LYS A 145 -22.45 -23.67 6.40
CA LYS A 145 -23.37 -22.54 6.37
C LYS A 145 -24.55 -22.78 7.30
N PHE A 146 -25.04 -21.70 7.91
CA PHE A 146 -26.15 -21.78 8.84
C PHE A 146 -27.31 -20.89 8.39
N HIS A 147 -28.53 -21.41 8.54
CA HIS A 147 -29.72 -20.61 8.33
C HIS A 147 -30.61 -20.70 9.55
N TYR A 148 -31.26 -19.60 9.91
CA TYR A 148 -32.02 -19.54 11.15
C TYR A 148 -33.48 -19.13 10.93
N LEU A 149 -34.38 -19.81 11.61
CA LEU A 149 -35.81 -19.50 11.53
C LEU A 149 -36.39 -19.21 12.92
N THR A 150 -36.86 -17.98 13.11
CA THR A 150 -37.55 -17.60 14.33
C THR A 150 -38.97 -18.16 14.30
N PHE A 151 -39.40 -18.80 15.39
CA PHE A 151 -40.73 -19.39 15.41
C PHE A 151 -41.39 -19.50 16.79
N LEU A 152 -42.67 -19.85 16.78
CA LEU A 152 -43.44 -20.09 18.00
C LEU A 152 -43.98 -21.51 17.96
N PRO A 153 -43.40 -22.40 18.78
CA PRO A 153 -43.75 -23.83 18.76
C PRO A 153 -45.23 -24.09 18.95
N SER A 154 -45.85 -24.72 17.95
CA SER A 154 -47.22 -25.21 18.05
C SER A 154 -47.26 -26.60 17.46
N THR A 155 -48.31 -27.35 17.78
CA THR A 155 -48.45 -28.72 17.30
C THR A 155 -49.02 -28.74 15.88
N ASP A 156 -49.48 -27.59 15.41
CA ASP A 156 -50.13 -27.48 14.11
C ASP A 156 -49.16 -27.22 12.97
N ASP A 157 -48.09 -26.50 13.26
CA ASP A 157 -47.11 -26.14 12.23
C ASP A 157 -46.04 -27.22 12.05
N PHE A 158 -45.66 -27.45 10.81
CA PHE A 158 -44.50 -28.29 10.51
C PHE A 158 -43.56 -27.51 9.60
N TYR A 159 -42.26 -27.77 9.74
CA TYR A 159 -41.25 -27.02 9.00
C TYR A 159 -40.37 -27.88 8.10
N ASP A 160 -39.84 -27.25 7.05
CA ASP A 160 -38.91 -27.90 6.15
C ASP A 160 -37.82 -26.92 5.75
N CYS A 161 -36.60 -27.42 5.64
CA CYS A 161 -35.50 -26.62 5.14
C CYS A 161 -35.10 -27.16 3.77
N GLU A 162 -35.40 -26.40 2.72
CA GLU A 162 -35.09 -26.84 1.37
C GLU A 162 -33.76 -26.25 0.90
N VAL A 163 -32.87 -27.13 0.45
CA VAL A 163 -31.54 -26.71 0.01
C VAL A 163 -31.27 -27.14 -1.44
N ASP A 164 -30.93 -26.18 -2.28
CA ASP A 164 -30.65 -26.47 -3.68
C ASP A 164 -29.16 -26.24 -4.01
N HIS A 165 -28.54 -27.24 -4.60
CA HIS A 165 -27.12 -27.20 -4.92
C HIS A 165 -26.89 -27.92 -6.24
N TRP A 166 -25.75 -27.66 -6.90
CA TRP A 166 -25.47 -28.29 -8.20
C TRP A 166 -24.95 -29.71 -8.05
N GLY A 167 -24.67 -30.12 -6.82
CA GLY A 167 -24.22 -31.48 -6.56
C GLY A 167 -25.38 -32.42 -6.38
N LEU A 168 -26.56 -31.87 -6.08
CA LEU A 168 -27.76 -32.66 -5.85
C LEU A 168 -28.53 -32.89 -7.15
N GLU A 169 -29.29 -33.99 -7.20
CA GLU A 169 -30.17 -34.27 -8.33
C GLU A 169 -31.41 -33.39 -8.25
N GLU A 170 -31.91 -33.20 -7.03
CA GLU A 170 -33.09 -32.38 -6.80
C GLU A 170 -33.01 -31.72 -5.43
N PRO A 171 -33.72 -30.63 -5.23
CA PRO A 171 -33.61 -29.90 -3.98
C PRO A 171 -33.86 -30.82 -2.80
N LEU A 172 -33.03 -30.70 -1.78
CA LEU A 172 -33.08 -31.58 -0.63
C LEU A 172 -33.83 -30.92 0.50
N ARG A 173 -34.81 -31.62 1.05
CA ARG A 173 -35.61 -31.08 2.12
C ARG A 173 -35.53 -31.89 3.40
N LYS A 174 -35.16 -31.22 4.49
CA LYS A 174 -35.13 -31.82 5.82
C LYS A 174 -36.29 -31.33 6.66
N HIS A 175 -36.99 -32.25 7.30
CA HIS A 175 -38.24 -31.95 7.99
C HIS A 175 -38.06 -31.76 9.49
N TRP A 176 -39.00 -31.04 10.11
CA TRP A 176 -39.00 -30.85 11.55
C TRP A 176 -40.39 -30.52 12.06
N GLU A 177 -40.86 -31.29 13.04
CA GLU A 177 -42.14 -31.04 13.68
C GLU A 177 -41.93 -30.94 15.18
N PHE A 178 -42.99 -30.66 15.93
CA PHE A 178 -42.87 -30.64 17.39
C PHE A 178 -43.05 -32.04 17.98
N GLU A 179 -43.65 -32.93 17.18
CA GLU A 179 -43.84 -34.32 17.59
C GLU A 179 -42.53 -34.99 18.03
N SER B 1 -21.53 -32.72 -14.16
CA SER B 1 -22.66 -31.81 -14.17
C SER B 1 -22.25 -30.41 -14.65
N ARG B 2 -22.63 -29.39 -13.89
CA ARG B 2 -22.31 -28.01 -14.23
C ARG B 2 -20.90 -27.63 -13.78
N PRO B 3 -20.08 -27.16 -14.72
CA PRO B 3 -18.69 -26.77 -14.42
C PRO B 3 -18.62 -25.56 -13.48
N TRP B 4 -17.59 -25.51 -12.66
CA TRP B 4 -17.38 -24.40 -11.75
C TRP B 4 -15.90 -24.20 -11.49
N PHE B 5 -15.53 -22.97 -11.14
CA PHE B 5 -14.12 -22.63 -10.97
C PHE B 5 -13.93 -21.74 -9.75
N LEU B 6 -13.24 -22.28 -8.75
CA LEU B 6 -13.09 -21.59 -7.47
C LEU B 6 -11.63 -21.28 -7.12
N GLU B 7 -11.33 -19.99 -6.98
CA GLU B 7 -10.06 -19.58 -6.40
C GLU B 7 -10.30 -19.32 -4.92
N TYR B 8 -9.73 -20.17 -4.08
CA TYR B 8 -10.07 -20.18 -2.66
C TYR B 8 -8.80 -20.16 -1.81
N CYS B 9 -8.70 -19.19 -0.92
CA CYS B 9 -7.51 -19.01 -0.10
C CYS B 9 -7.81 -18.87 1.38
N LYS B 10 -7.04 -19.57 2.21
CA LYS B 10 -7.17 -19.45 3.66
C LYS B 10 -5.83 -19.05 4.28
N SER B 11 -5.81 -17.91 4.94
CA SER B 11 -4.61 -17.45 5.63
C SER B 11 -4.74 -17.72 7.12
N GLU B 12 -4.11 -18.80 7.58
CA GLU B 12 -4.31 -19.28 8.94
C GLU B 12 -3.22 -18.83 9.90
N CYS B 13 -3.64 -18.23 11.01
CA CYS B 13 -2.74 -17.85 12.09
C CYS B 13 -2.95 -18.79 13.27
N HIS B 14 -1.94 -19.61 13.56
CA HIS B 14 -2.04 -20.57 14.66
C HIS B 14 -1.28 -20.10 15.90
N PHE B 15 -1.86 -20.34 17.07
CA PHE B 15 -1.26 -19.93 18.34
C PHE B 15 -1.26 -21.11 19.30
N TYR B 16 -0.10 -21.70 19.51
CA TYR B 16 0.01 -22.81 20.45
C TYR B 16 -0.13 -22.45 21.93
N ASN B 17 0.49 -21.34 22.33
CA ASN B 17 0.35 -20.80 23.68
C ASN B 17 0.25 -19.28 23.60
N GLY B 18 -0.88 -18.76 23.15
CA GLY B 18 -0.98 -17.34 22.95
C GLY B 18 0.10 -16.93 21.95
N THR B 19 0.84 -15.89 22.29
CA THR B 19 1.91 -15.41 21.40
C THR B 19 3.23 -16.18 21.59
N GLN B 20 3.22 -17.15 22.51
CA GLN B 20 4.41 -17.95 22.75
C GLN B 20 4.96 -18.51 21.45
N ARG B 21 4.18 -19.37 20.81
CA ARG B 21 4.61 -19.95 19.54
C ARG B 21 3.56 -19.75 18.45
N VAL B 22 3.83 -18.81 17.56
CA VAL B 22 2.90 -18.48 16.49
C VAL B 22 3.32 -19.10 15.16
N ARG B 23 2.33 -19.54 14.39
CA ARG B 23 2.60 -20.15 13.08
C ARG B 23 1.64 -19.63 12.02
N LEU B 24 2.18 -19.28 10.87
CA LEU B 24 1.37 -18.81 9.75
C LEU B 24 1.28 -19.91 8.69
N LEU B 25 0.05 -20.22 8.27
CA LEU B 25 -0.16 -21.22 7.23
C LEU B 25 -1.09 -20.66 6.15
N VAL B 26 -0.53 -20.38 4.99
CA VAL B 26 -1.31 -19.90 3.86
C VAL B 26 -1.62 -21.06 2.93
N ARG B 27 -2.90 -21.31 2.71
CA ARG B 27 -3.32 -22.48 1.93
C ARG B 27 -4.15 -22.05 0.73
N TYR B 28 -3.72 -22.46 -0.46
CA TYR B 28 -4.42 -22.14 -1.68
C TYR B 28 -5.20 -23.33 -2.23
N PHE B 29 -6.45 -23.10 -2.61
CA PHE B 29 -7.30 -24.14 -3.16
C PHE B 29 -7.82 -23.74 -4.53
N TYR B 30 -7.84 -24.69 -5.45
CA TYR B 30 -8.54 -24.49 -6.71
C TYR B 30 -9.57 -25.60 -6.88
N ASN B 31 -10.83 -25.22 -6.99
CA ASN B 31 -11.92 -26.19 -6.98
C ASN B 31 -11.87 -27.04 -5.71
N LEU B 32 -11.78 -28.36 -5.87
CA LEU B 32 -11.80 -29.26 -4.72
C LEU B 32 -10.41 -29.61 -4.20
N GLU B 33 -9.38 -29.00 -4.78
CA GLU B 33 -8.02 -29.45 -4.55
C GLU B 33 -7.10 -28.36 -4.00
N GLU B 34 -6.44 -28.65 -2.89
CA GLU B 34 -5.44 -27.76 -2.31
C GLU B 34 -4.12 -27.94 -3.05
N ASN B 35 -3.59 -26.86 -3.62
CA ASN B 35 -2.45 -26.98 -4.52
C ASN B 35 -1.18 -26.25 -4.10
N LEU B 36 -1.25 -25.41 -3.06
CA LEU B 36 -0.10 -24.62 -2.65
C LEU B 36 -0.14 -24.21 -1.18
N ARG B 37 1.03 -24.22 -0.54
CA ARG B 37 1.13 -23.86 0.87
C ARG B 37 2.32 -22.94 1.15
N PHE B 38 2.17 -22.10 2.16
CA PHE B 38 3.30 -21.38 2.74
C PHE B 38 3.28 -21.59 4.24
N ASP B 39 4.21 -22.41 4.73
CA ASP B 39 4.27 -22.72 6.16
C ASP B 39 5.41 -21.93 6.78
N SER B 40 5.10 -21.07 7.74
CA SER B 40 6.09 -20.20 8.35
C SER B 40 7.23 -20.98 9.00
N ASP B 41 6.97 -22.26 9.30
CA ASP B 41 8.00 -23.14 9.84
C ASP B 41 9.01 -23.52 8.76
N VAL B 42 8.55 -23.50 7.51
CA VAL B 42 9.41 -23.78 6.36
C VAL B 42 9.97 -22.49 5.78
N GLY B 43 9.19 -21.41 5.87
CA GLY B 43 9.62 -20.10 5.43
C GLY B 43 9.59 -19.94 3.91
N GLU B 44 9.03 -20.92 3.23
CA GLU B 44 9.02 -20.92 1.77
C GLU B 44 7.70 -21.48 1.23
N PHE B 45 7.39 -21.16 -0.02
CA PHE B 45 6.22 -21.72 -0.68
C PHE B 45 6.47 -23.15 -1.16
N ARG B 46 5.48 -24.00 -1.02
CA ARG B 46 5.60 -25.40 -1.44
C ARG B 46 4.32 -25.88 -2.10
N ALA B 47 4.42 -26.22 -3.39
CA ALA B 47 3.28 -26.75 -4.13
C ALA B 47 2.81 -28.05 -3.47
N VAL B 48 1.51 -28.25 -3.45
CA VAL B 48 0.92 -29.48 -2.94
C VAL B 48 0.55 -30.42 -4.09
N THR B 49 0.23 -29.82 -5.24
CA THR B 49 -0.05 -30.59 -6.45
C THR B 49 0.65 -29.94 -7.63
N GLU B 50 0.55 -30.58 -8.79
CA GLU B 50 1.12 -30.06 -10.03
C GLU B 50 0.70 -28.61 -10.27
N LEU B 51 -0.55 -28.32 -9.94
CA LEU B 51 -1.14 -27.03 -10.27
C LEU B 51 -0.50 -25.86 -9.52
N GLY B 52 0.04 -26.12 -8.34
CA GLY B 52 0.63 -25.07 -7.53
C GLY B 52 2.10 -24.83 -7.79
N ARG B 53 2.69 -25.66 -8.65
CA ARG B 53 4.13 -25.57 -8.92
C ARG B 53 4.58 -24.24 -9.53
N PRO B 54 3.87 -23.75 -10.57
CA PRO B 54 4.27 -22.47 -11.17
C PRO B 54 4.31 -21.34 -10.16
N ASP B 55 3.31 -21.27 -9.29
CA ASP B 55 3.27 -20.25 -8.25
C ASP B 55 4.47 -20.37 -7.32
N ALA B 56 4.75 -21.58 -6.88
CA ALA B 56 5.88 -21.84 -6.02
C ALA B 56 7.18 -21.34 -6.66
N GLU B 57 7.35 -21.68 -7.93
CA GLU B 57 8.50 -21.19 -8.70
C GLU B 57 8.59 -19.68 -8.65
N ASN B 58 7.49 -19.02 -8.99
CA ASN B 58 7.46 -17.57 -9.13
C ASN B 58 7.70 -16.81 -7.83
N TRP B 59 6.91 -17.11 -6.81
CA TRP B 59 6.97 -16.36 -5.56
C TRP B 59 8.25 -16.61 -4.78
N ASN B 60 8.76 -17.83 -4.83
CA ASN B 60 10.00 -18.17 -4.14
C ASN B 60 11.22 -17.45 -4.74
N SER B 61 11.07 -16.94 -5.96
CA SER B 61 12.14 -16.20 -6.60
C SER B 61 11.99 -14.70 -6.34
N GLN B 62 11.08 -14.34 -5.45
CA GLN B 62 10.88 -12.95 -5.07
C GLN B 62 11.34 -12.74 -3.64
N PRO B 63 12.63 -12.44 -3.45
CA PRO B 63 13.26 -12.31 -2.13
C PRO B 63 12.43 -11.45 -1.18
N GLU B 64 12.09 -10.24 -1.60
CA GLU B 64 11.39 -9.30 -0.74
C GLU B 64 9.99 -9.80 -0.36
N PHE B 65 9.36 -10.55 -1.25
CA PHE B 65 8.07 -11.14 -0.96
C PHE B 65 8.19 -12.17 0.16
N LEU B 66 9.09 -13.12 -0.01
CA LEU B 66 9.34 -14.12 1.03
C LEU B 66 9.71 -13.42 2.34
N GLU B 67 10.50 -12.37 2.23
CA GLU B 67 10.91 -11.59 3.38
C GLU B 67 9.70 -11.01 4.11
N GLN B 68 8.80 -10.37 3.35
CA GLN B 68 7.61 -9.78 3.95
C GLN B 68 6.67 -10.86 4.47
N LYS B 69 6.69 -12.02 3.83
CA LYS B 69 5.89 -13.16 4.27
C LYS B 69 6.30 -13.61 5.66
N ARG B 70 7.59 -13.86 5.84
CA ARG B 70 8.09 -14.36 7.12
C ARG B 70 7.77 -13.39 8.26
N ALA B 71 7.65 -12.11 7.93
CA ALA B 71 7.39 -11.09 8.95
C ALA B 71 5.92 -11.07 9.37
N GLU B 72 5.05 -11.54 8.49
CA GLU B 72 3.62 -11.47 8.73
C GLU B 72 3.18 -12.31 9.93
N VAL B 73 4.05 -13.19 10.40
CA VAL B 73 3.80 -13.91 11.63
C VAL B 73 3.68 -12.91 12.77
N ASP B 74 4.37 -11.79 12.64
CA ASP B 74 4.35 -10.75 13.65
C ASP B 74 3.46 -9.57 13.25
N THR B 75 3.62 -9.10 12.02
CA THR B 75 2.84 -7.96 11.56
C THR B 75 1.35 -8.28 11.55
N VAL B 76 0.98 -9.48 11.15
CA VAL B 76 -0.44 -9.85 11.14
C VAL B 76 -0.90 -10.80 12.25
N CYS B 77 -0.23 -11.94 12.42
CA CYS B 77 -0.66 -12.93 13.41
C CYS B 77 -0.59 -12.52 14.87
N ARG B 78 0.52 -11.90 15.26
CA ARG B 78 0.70 -11.35 16.60
C ARG B 78 -0.18 -10.13 16.81
N HIS B 79 -0.19 -9.24 15.82
CA HIS B 79 -0.93 -7.99 15.92
C HIS B 79 -2.40 -8.24 16.20
N ASN B 80 -2.98 -9.23 15.52
CA ASN B 80 -4.39 -9.54 15.69
C ASN B 80 -4.71 -10.24 17.00
N TYR B 81 -3.81 -11.09 17.47
CA TYR B 81 -4.06 -11.82 18.70
C TYR B 81 -4.25 -10.87 19.87
N GLU B 82 -3.37 -9.88 19.98
CA GLU B 82 -3.46 -8.90 21.05
C GLU B 82 -4.81 -8.20 21.02
N ILE B 83 -5.38 -8.07 19.84
CA ILE B 83 -6.69 -7.47 19.69
C ILE B 83 -7.80 -8.41 20.17
N PHE B 84 -7.82 -9.62 19.61
CA PHE B 84 -8.88 -10.57 19.93
C PHE B 84 -8.80 -11.11 21.35
N ASP B 85 -7.59 -11.12 21.92
CA ASP B 85 -7.40 -11.57 23.30
C ASP B 85 -8.22 -10.74 24.27
N ASN B 86 -8.69 -9.58 23.80
CA ASN B 86 -9.46 -8.67 24.64
C ASN B 86 -10.93 -9.03 24.78
N PHE B 87 -11.51 -9.63 23.74
CA PHE B 87 -12.93 -10.01 23.76
C PHE B 87 -13.28 -11.44 23.32
N LEU B 88 -12.54 -12.00 22.38
CA LEU B 88 -12.84 -13.30 21.83
C LEU B 88 -12.27 -14.42 22.69
N VAL B 89 -10.97 -14.34 22.98
CA VAL B 89 -10.29 -15.36 23.76
C VAL B 89 -10.92 -15.62 25.13
N PRO B 90 -11.18 -14.54 25.90
CA PRO B 90 -11.74 -14.72 27.24
C PRO B 90 -13.26 -14.77 27.27
N ARG B 91 -13.88 -15.22 26.18
CA ARG B 91 -15.35 -15.26 26.11
C ARG B 91 -15.93 -16.43 26.90
N ARG B 92 -16.94 -16.14 27.72
CA ARG B 92 -17.58 -17.15 28.55
C ARG B 92 -19.10 -17.00 28.55
N VAL B 93 -19.79 -18.04 28.10
CA VAL B 93 -21.24 -18.06 28.13
C VAL B 93 -21.74 -19.28 28.92
N GLU B 94 -22.38 -19.02 30.07
CA GLU B 94 -22.86 -20.08 30.93
C GLU B 94 -23.92 -20.95 30.26
N PRO B 95 -23.81 -22.28 30.44
CA PRO B 95 -24.73 -23.25 29.86
C PRO B 95 -26.05 -23.29 30.61
N THR B 96 -27.11 -23.68 29.91
CA THR B 96 -28.40 -23.87 30.52
C THR B 96 -28.69 -25.37 30.53
N VAL B 97 -28.96 -25.91 31.72
CA VAL B 97 -29.10 -27.36 31.89
C VAL B 97 -30.53 -27.77 32.20
N THR B 98 -31.00 -28.81 31.50
CA THR B 98 -32.37 -29.29 31.68
C THR B 98 -32.46 -30.80 31.58
N VAL B 99 -33.15 -31.42 32.52
CA VAL B 99 -33.34 -32.87 32.52
C VAL B 99 -34.79 -33.21 32.20
N TYR B 100 -34.99 -34.14 31.27
CA TYR B 100 -36.34 -34.58 30.90
C TYR B 100 -36.31 -35.95 30.24
N PRO B 101 -37.41 -36.70 30.35
CA PRO B 101 -37.52 -38.03 29.75
C PRO B 101 -38.21 -37.98 28.38
N THR B 102 -37.61 -38.64 27.39
CA THR B 102 -38.20 -38.70 26.07
C THR B 102 -39.53 -39.46 26.10
N LEU B 112 -34.89 -43.74 29.03
CA LEU B 112 -34.25 -42.74 28.18
C LEU B 112 -34.35 -41.33 28.76
N LEU B 113 -33.52 -41.05 29.76
CA LEU B 113 -33.46 -39.72 30.36
C LEU B 113 -32.50 -38.83 29.57
N VAL B 114 -32.83 -37.55 29.48
CA VAL B 114 -32.04 -36.63 28.67
C VAL B 114 -31.53 -35.42 29.44
N CYS B 115 -30.22 -35.19 29.37
CA CYS B 115 -29.63 -33.99 29.93
C CYS B 115 -29.34 -33.01 28.79
N SER B 116 -30.06 -31.90 28.80
CA SER B 116 -29.94 -30.90 27.74
C SER B 116 -29.03 -29.74 28.15
N VAL B 117 -27.84 -29.69 27.57
CA VAL B 117 -26.90 -28.62 27.85
C VAL B 117 -26.78 -27.73 26.61
N SER B 118 -27.30 -26.51 26.70
CA SER B 118 -27.40 -25.64 25.54
C SER B 118 -26.93 -24.22 25.84
N ASP B 119 -26.70 -23.44 24.77
CA ASP B 119 -26.33 -22.03 24.88
C ASP B 119 -25.06 -21.68 25.68
N PHE B 120 -23.93 -22.27 25.31
CA PHE B 120 -22.70 -22.11 26.08
C PHE B 120 -21.45 -21.93 25.23
N TYR B 121 -20.44 -21.29 25.81
CA TYR B 121 -19.18 -21.05 25.13
C TYR B 121 -18.08 -20.84 26.17
N PRO B 122 -16.87 -21.39 25.91
CA PRO B 122 -16.51 -22.14 24.70
C PRO B 122 -17.07 -23.55 24.69
N GLY B 123 -16.58 -24.32 23.72
CA GLY B 123 -16.98 -25.69 23.45
C GLY B 123 -16.67 -26.74 24.50
N ASN B 124 -15.52 -26.64 25.13
CA ASN B 124 -15.12 -27.67 26.07
C ASN B 124 -16.09 -27.75 27.22
N ILE B 125 -16.58 -28.95 27.48
CA ILE B 125 -17.51 -29.17 28.57
C ILE B 125 -17.51 -30.64 28.96
N GLU B 126 -17.98 -30.91 30.18
CA GLU B 126 -18.10 -32.26 30.68
C GLU B 126 -19.51 -32.49 31.23
N VAL B 127 -20.20 -33.49 30.70
CA VAL B 127 -21.56 -33.81 31.13
C VAL B 127 -21.62 -35.24 31.67
N ARG B 128 -21.86 -35.38 32.97
CA ARG B 128 -21.81 -36.69 33.61
C ARG B 128 -23.14 -37.06 34.28
N TRP B 129 -23.46 -38.36 34.24
CA TRP B 129 -24.69 -38.87 34.83
C TRP B 129 -24.42 -39.60 36.14
N PHE B 130 -25.16 -39.24 37.19
CA PHE B 130 -25.06 -39.91 38.48
C PHE B 130 -26.37 -40.59 38.85
N ARG B 131 -26.30 -41.88 39.16
CA ARG B 131 -27.50 -42.67 39.45
C ARG B 131 -27.73 -42.80 40.95
N LYS B 134 -24.12 -42.87 42.48
CA LYS B 134 -22.77 -42.96 41.93
C LYS B 134 -22.77 -42.85 40.42
N GLU B 135 -21.70 -42.26 39.88
CA GLU B 135 -21.60 -42.01 38.44
C GLU B 135 -21.85 -43.25 37.59
N GLU B 136 -22.48 -43.05 36.43
CA GLU B 136 -22.81 -44.14 35.54
C GLU B 136 -22.04 -44.04 34.22
N LYS B 137 -21.22 -45.05 33.96
CA LYS B 137 -20.41 -45.09 32.73
C LYS B 137 -21.02 -46.04 31.72
N THR B 138 -22.33 -46.25 31.80
CA THR B 138 -23.01 -47.22 30.95
C THR B 138 -24.38 -46.75 30.50
N GLY B 139 -24.72 -47.04 29.24
CA GLY B 139 -25.98 -46.64 28.67
C GLY B 139 -26.00 -45.15 28.40
N ILE B 140 -24.89 -44.63 27.92
CA ILE B 140 -24.75 -43.21 27.61
C ILE B 140 -24.44 -43.02 26.13
N VAL B 141 -25.30 -42.28 25.45
CA VAL B 141 -25.05 -41.86 24.08
C VAL B 141 -25.37 -40.37 23.93
N SER B 142 -24.59 -39.66 23.13
CA SER B 142 -24.76 -38.23 22.99
C SER B 142 -24.69 -37.82 21.52
N THR B 143 -25.42 -36.77 21.17
CA THR B 143 -25.36 -36.22 19.82
C THR B 143 -23.94 -35.74 19.51
N GLY B 144 -23.17 -35.55 20.56
CA GLY B 144 -21.83 -34.97 20.43
C GLY B 144 -21.95 -33.46 20.52
N LEU B 145 -20.80 -32.79 20.52
CA LEU B 145 -20.79 -31.33 20.58
C LEU B 145 -21.34 -30.73 19.29
N VAL B 146 -22.31 -29.82 19.41
CA VAL B 146 -22.94 -29.23 18.24
C VAL B 146 -22.75 -27.72 18.19
N ARG B 147 -22.11 -27.26 17.11
CA ARG B 147 -21.88 -25.84 16.90
C ARG B 147 -23.13 -25.17 16.34
N ASN B 148 -23.55 -24.07 16.94
CA ASN B 148 -24.78 -23.39 16.53
C ASN B 148 -24.57 -22.35 15.44
N GLY B 149 -23.33 -21.93 15.25
CA GLY B 149 -22.99 -20.96 14.22
C GLY B 149 -23.07 -19.54 14.73
N ASP B 150 -23.48 -19.37 15.98
CA ASP B 150 -23.63 -18.04 16.56
C ASP B 150 -22.81 -17.88 17.84
N TRP B 151 -21.66 -18.53 17.90
CA TRP B 151 -20.78 -18.46 19.06
C TRP B 151 -21.37 -19.12 20.29
N THR B 152 -22.26 -20.09 20.08
CA THR B 152 -22.79 -20.91 21.17
C THR B 152 -22.80 -22.37 20.74
N PHE B 153 -22.62 -23.26 21.71
CA PHE B 153 -22.67 -24.70 21.47
C PHE B 153 -23.87 -25.31 22.20
N GLN B 154 -24.22 -26.53 21.81
CA GLN B 154 -25.26 -27.29 22.51
C GLN B 154 -24.96 -28.79 22.40
N THR B 155 -25.50 -29.56 23.34
CA THR B 155 -25.35 -31.02 23.30
C THR B 155 -26.39 -31.73 24.15
N LEU B 156 -26.77 -32.93 23.71
CA LEU B 156 -27.72 -33.76 24.44
C LEU B 156 -27.07 -35.06 24.88
N VAL B 157 -26.89 -35.22 26.19
CA VAL B 157 -26.35 -36.45 26.75
C VAL B 157 -27.49 -37.23 27.42
N MET B 158 -27.66 -38.47 27.01
CA MET B 158 -28.82 -39.24 27.44
C MET B 158 -28.42 -40.52 28.18
N LEU B 159 -29.09 -40.75 29.31
CA LEU B 159 -28.84 -41.92 30.14
C LEU B 159 -29.97 -42.94 30.00
N GLU B 160 -29.61 -44.15 29.58
CA GLU B 160 -30.58 -45.23 29.45
C GLU B 160 -31.00 -45.74 30.82
N THR B 161 -32.24 -45.46 31.20
CA THR B 161 -32.77 -45.92 32.48
C THR B 161 -34.04 -46.76 32.28
N VAL B 162 -34.48 -47.38 33.37
CA VAL B 162 -35.68 -48.21 33.32
C VAL B 162 -36.48 -48.10 34.62
N TYR B 169 -31.48 -39.85 40.12
CA TYR B 169 -30.73 -39.48 38.92
C TYR B 169 -30.28 -38.03 38.95
N THR B 170 -28.98 -37.81 38.76
CA THR B 170 -28.42 -36.47 38.75
C THR B 170 -27.60 -36.24 37.49
N CYS B 171 -27.63 -35.00 37.00
CA CYS B 171 -26.81 -34.61 35.85
C CYS B 171 -25.87 -33.49 36.26
N GLN B 172 -24.58 -33.72 36.12
CA GLN B 172 -23.60 -32.71 36.52
C GLN B 172 -22.91 -32.10 35.30
N VAL B 173 -22.67 -30.80 35.37
CA VAL B 173 -22.02 -30.10 34.27
C VAL B 173 -20.83 -29.29 34.77
N GLU B 174 -19.70 -29.45 34.08
CA GLU B 174 -18.51 -28.66 34.38
C GLU B 174 -18.04 -27.92 33.12
N HIS B 175 -17.61 -26.67 33.30
CA HIS B 175 -17.36 -25.78 32.18
C HIS B 175 -16.61 -24.57 32.68
N PRO B 176 -15.71 -24.02 31.84
CA PRO B 176 -14.85 -22.88 32.22
C PRO B 176 -15.62 -21.66 32.72
N SER B 177 -16.93 -21.63 32.48
CA SER B 177 -17.75 -20.50 32.88
C SER B 177 -18.32 -20.71 34.29
N LEU B 178 -18.03 -21.88 34.86
CA LEU B 178 -18.59 -22.24 36.16
C LEU B 178 -17.49 -22.51 37.18
N THR B 179 -17.44 -21.69 38.23
CA THR B 179 -16.51 -21.91 39.32
C THR B 179 -16.86 -23.21 40.02
N ASP B 180 -18.15 -23.38 40.30
CA ASP B 180 -18.66 -24.62 40.88
C ASP B 180 -19.56 -25.32 39.87
N PRO B 181 -19.47 -26.67 39.81
CA PRO B 181 -20.25 -27.48 38.88
C PRO B 181 -21.76 -27.25 39.03
N VAL B 182 -22.51 -27.47 37.95
CA VAL B 182 -23.96 -27.36 37.98
C VAL B 182 -24.58 -28.75 38.05
N THR B 183 -25.62 -28.89 38.87
CA THR B 183 -26.26 -30.20 39.06
C THR B 183 -27.76 -30.19 38.79
N VAL B 184 -28.23 -31.22 38.09
CA VAL B 184 -29.64 -31.39 37.74
C VAL B 184 -30.46 -30.11 37.81
N GLN C 5 0.40 7.23 11.38
CA GLN C 5 1.25 8.41 11.36
C GLN C 5 2.72 8.04 11.51
N VAL C 6 3.60 8.89 11.00
CA VAL C 6 5.03 8.65 11.08
C VAL C 6 5.78 9.89 11.56
N GLU C 7 6.39 9.79 12.74
CA GLU C 7 7.25 10.86 13.24
C GLU C 7 8.68 10.63 12.77
N GLN C 8 9.13 11.44 11.81
CA GLN C 8 10.50 11.34 11.31
C GLN C 8 11.38 12.45 11.85
N SER C 9 12.49 12.07 12.49
CA SER C 9 13.45 13.04 12.99
C SER C 9 14.82 12.80 12.37
N PRO C 10 15.58 13.89 12.14
CA PRO C 10 15.21 15.27 12.44
C PRO C 10 14.66 15.99 11.22
N SER C 11 14.45 17.30 11.35
CA SER C 11 13.89 18.09 10.25
C SER C 11 14.95 18.43 9.21
N ALA C 12 16.16 18.73 9.67
CA ALA C 12 17.24 19.12 8.77
C ALA C 12 18.61 18.77 9.33
N LEU C 13 19.57 18.59 8.43
CA LEU C 13 20.92 18.22 8.81
C LEU C 13 21.95 18.81 7.86
N SER C 14 23.06 19.28 8.42
CA SER C 14 24.19 19.72 7.62
C SER C 14 25.42 18.91 8.02
N LEU C 15 26.01 18.21 7.05
CA LEU C 15 27.13 17.34 7.33
C LEU C 15 28.35 17.72 6.50
N HIS C 16 29.47 17.97 7.16
CA HIS C 16 30.73 18.16 6.46
C HIS C 16 31.15 16.83 5.87
N GLU C 17 31.84 16.86 4.74
CA GLU C 17 32.31 15.64 4.09
C GLU C 17 32.90 14.66 5.09
N GLY C 18 32.61 13.38 4.90
CA GLY C 18 33.21 12.33 5.70
C GLY C 18 32.70 12.24 7.13
N THR C 19 31.59 12.89 7.42
CA THR C 19 30.96 12.77 8.74
C THR C 19 29.73 11.88 8.64
N GLY C 20 29.16 11.53 9.79
CA GLY C 20 28.02 10.63 9.83
C GLY C 20 26.89 11.07 10.74
N SER C 21 25.73 10.47 10.56
CA SER C 21 24.57 10.75 11.39
C SER C 21 23.48 9.71 11.16
N ALA C 22 22.36 9.86 11.88
CA ALA C 22 21.27 8.90 11.79
C ALA C 22 19.92 9.58 11.65
N LEU C 23 19.05 9.00 10.83
CA LEU C 23 17.67 9.42 10.74
C LEU C 23 16.81 8.43 11.50
N ARG C 24 15.60 8.83 11.89
CA ARG C 24 14.71 7.93 12.61
C ARG C 24 13.24 8.12 12.27
N CYS C 25 12.52 7.02 12.16
CA CYS C 25 11.08 7.05 11.95
C CYS C 25 10.38 6.23 13.04
N ASN C 26 9.44 6.87 13.73
CA ASN C 26 8.64 6.20 14.75
C ASN C 26 7.20 6.03 14.28
N PHE C 27 6.63 4.85 14.52
CA PHE C 27 5.30 4.53 14.03
C PHE C 27 4.29 4.41 15.16
N THR C 28 3.03 4.72 14.85
CA THR C 28 1.96 4.65 15.84
C THR C 28 1.16 3.36 15.71
N THR C 29 1.61 2.47 14.84
CA THR C 29 0.95 1.18 14.63
C THR C 29 1.89 0.18 13.97
N THR C 30 1.39 -1.02 13.71
CA THR C 30 2.19 -2.07 13.09
C THR C 30 2.31 -1.85 11.59
N MET C 31 3.54 -1.77 11.09
CA MET C 31 3.77 -1.63 9.66
C MET C 31 4.19 -2.97 9.05
N ARG C 32 3.81 -3.18 7.79
CA ARG C 32 4.15 -4.43 7.12
C ARG C 32 5.64 -4.45 6.83
N ALA C 33 6.17 -3.29 6.50
CA ALA C 33 7.59 -3.12 6.22
C ALA C 33 7.86 -1.64 6.14
N VAL C 34 9.11 -1.28 5.86
CA VAL C 34 9.47 0.12 5.70
C VAL C 34 10.29 0.33 4.44
N GLN C 35 10.34 1.58 3.98
CA GLN C 35 11.10 1.93 2.80
C GLN C 35 11.69 3.32 2.97
N TRP C 36 12.93 3.49 2.51
CA TRP C 36 13.58 4.79 2.56
C TRP C 36 13.88 5.29 1.14
N PHE C 37 13.55 6.54 0.87
CA PHE C 37 13.83 7.14 -0.43
C PHE C 37 14.62 8.42 -0.25
N ARG C 38 15.30 8.85 -1.31
CA ARG C 38 15.97 10.15 -1.33
C ARG C 38 15.53 10.94 -2.54
N LYS C 39 15.03 12.14 -2.29
CA LYS C 39 14.63 13.00 -3.38
C LYS C 39 15.83 13.87 -3.67
N ASN C 40 16.38 13.72 -4.86
CA ASN C 40 17.56 14.46 -5.27
C ASN C 40 17.16 15.82 -5.77
N SER C 41 18.11 16.56 -6.30
CA SER C 41 17.83 17.89 -6.79
C SER C 41 16.76 17.77 -7.85
N ARG C 42 16.80 16.74 -8.66
CA ARG C 42 15.82 16.64 -9.74
C ARG C 42 14.39 16.50 -9.23
N GLY C 43 14.25 16.05 -8.00
CA GLY C 43 12.98 15.60 -7.45
C GLY C 43 12.59 14.16 -7.73
N SER C 44 13.58 13.35 -8.14
CA SER C 44 13.33 11.94 -8.40
C SER C 44 13.63 11.09 -7.18
N LEU C 45 12.64 10.33 -6.73
CA LEU C 45 12.76 9.54 -5.51
C LEU C 45 13.61 8.29 -5.70
N ILE C 46 14.91 8.43 -5.51
CA ILE C 46 15.81 7.28 -5.55
C ILE C 46 15.45 6.31 -4.44
N ASN C 47 15.18 5.06 -4.80
CA ASN C 47 14.94 4.01 -3.82
C ASN C 47 16.22 3.68 -3.07
N LEU C 48 16.17 3.72 -1.75
CA LEU C 48 17.35 3.41 -0.95
C LEU C 48 17.23 2.05 -0.27
N PHE C 49 16.09 1.81 0.37
CA PHE C 49 15.92 0.58 1.14
C PHE C 49 14.50 0.03 1.15
N TYR C 50 14.42 -1.30 1.22
CA TYR C 50 13.20 -1.99 1.59
C TYR C 50 13.55 -3.07 2.59
N LEU C 51 12.81 -3.15 3.68
CA LEU C 51 13.01 -4.23 4.64
C LEU C 51 11.78 -4.45 5.52
N ALA C 52 11.45 -5.72 5.74
CA ALA C 52 10.29 -6.07 6.55
C ALA C 52 10.73 -6.51 7.96
N SER C 53 12.03 -6.64 8.13
CA SER C 53 12.62 -6.98 9.41
C SER C 53 14.13 -6.78 9.41
N GLY C 54 14.74 -6.70 10.60
CA GLY C 54 16.18 -6.73 10.71
C GLY C 54 16.89 -5.51 10.15
N THR C 55 18.00 -5.75 9.47
CA THR C 55 18.87 -4.68 8.98
C THR C 55 19.36 -4.95 7.56
N LYS C 56 19.78 -3.90 6.87
CA LYS C 56 20.38 -4.04 5.54
C LYS C 56 21.44 -2.96 5.31
N GLU C 57 22.59 -3.38 4.77
CA GLU C 57 23.63 -2.43 4.40
C GLU C 57 23.74 -2.28 2.89
N ASN C 58 23.76 -1.03 2.43
CA ASN C 58 23.89 -0.72 1.02
C ASN C 58 24.84 0.45 0.79
N GLY C 59 26.14 0.16 0.71
CA GLY C 59 27.14 1.18 0.52
C GLY C 59 27.47 1.89 1.82
N ARG C 60 27.30 3.21 1.83
CA ARG C 60 27.57 4.00 3.02
C ARG C 60 26.34 4.17 3.90
N LEU C 61 25.23 3.57 3.47
CA LEU C 61 23.98 3.65 4.21
C LEU C 61 23.61 2.29 4.78
N LYS C 62 23.05 2.29 5.99
CA LYS C 62 22.48 1.06 6.55
C LYS C 62 21.17 1.35 7.26
N SER C 63 20.19 0.47 7.08
CA SER C 63 18.86 0.70 7.62
C SER C 63 18.40 -0.47 8.49
N ALA C 64 17.63 -0.15 9.52
CA ALA C 64 17.07 -1.17 10.41
C ALA C 64 15.57 -0.97 10.55
N PHE C 65 14.86 -2.02 10.93
CA PHE C 65 13.41 -1.94 11.08
C PHE C 65 12.91 -2.95 12.11
N ASP C 66 12.10 -2.47 13.05
CA ASP C 66 11.52 -3.34 14.06
C ASP C 66 10.02 -3.06 14.14
N SER C 67 9.22 -3.91 13.51
CA SER C 67 7.77 -3.71 13.44
C SER C 67 7.10 -3.76 14.80
N LYS C 68 7.64 -4.59 15.69
CA LYS C 68 7.08 -4.72 17.04
C LYS C 68 7.30 -3.45 17.85
N GLU C 69 8.49 -2.85 17.69
CA GLU C 69 8.84 -1.66 18.44
C GLU C 69 8.46 -0.39 17.69
N ARG C 70 7.94 -0.56 16.47
CA ARG C 70 7.38 0.54 15.71
C ARG C 70 8.38 1.64 15.37
N TYR C 71 9.59 1.26 14.95
CA TYR C 71 10.59 2.24 14.56
C TYR C 71 11.47 1.74 13.42
N SER C 72 12.09 2.67 12.72
CA SER C 72 13.05 2.35 11.67
C SER C 72 14.15 3.40 11.67
N THR C 73 15.38 2.99 11.39
CA THR C 73 16.50 3.93 11.37
C THR C 73 17.29 3.86 10.08
N LEU C 74 17.76 5.03 9.62
CA LEU C 74 18.65 5.11 8.47
C LEU C 74 19.95 5.79 8.89
N HIS C 75 21.06 5.06 8.81
CA HIS C 75 22.35 5.62 9.17
C HIS C 75 23.18 5.99 7.94
N ILE C 76 23.83 7.15 8.00
CA ILE C 76 24.73 7.59 6.95
C ILE C 76 26.13 7.77 7.48
N ARG C 77 27.12 7.25 6.77
CA ARG C 77 28.52 7.41 7.16
C ARG C 77 29.33 7.88 5.95
N ASP C 78 30.38 8.65 6.22
CA ASP C 78 31.29 9.09 5.17
C ASP C 78 30.52 9.91 4.13
N ALA C 79 29.76 10.89 4.61
CA ALA C 79 28.89 11.69 3.75
C ALA C 79 29.61 12.30 2.54
N GLN C 80 28.90 12.36 1.41
CA GLN C 80 29.42 12.92 0.18
C GLN C 80 28.39 13.87 -0.42
N LEU C 81 28.83 14.77 -1.30
CA LEU C 81 27.92 15.73 -1.92
C LEU C 81 26.70 15.04 -2.50
N GLU C 82 26.92 13.86 -3.09
CA GLU C 82 25.86 13.12 -3.76
C GLU C 82 24.76 12.70 -2.79
N ASP C 83 25.03 12.81 -1.49
CA ASP C 83 24.08 12.39 -0.47
C ASP C 83 23.04 13.47 -0.17
N SER C 84 23.31 14.70 -0.59
CA SER C 84 22.37 15.80 -0.37
C SER C 84 21.00 15.47 -0.95
N GLY C 85 19.95 16.06 -0.37
CA GLY C 85 18.59 15.79 -0.78
C GLY C 85 17.70 15.55 0.42
N THR C 86 16.40 15.40 0.17
CA THR C 86 15.45 15.16 1.25
C THR C 86 15.13 13.67 1.37
N TYR C 87 15.39 13.11 2.55
CA TYR C 87 15.15 11.69 2.79
C TYR C 87 13.77 11.47 3.39
N PHE C 88 13.07 10.45 2.89
CA PHE C 88 11.72 10.12 3.37
C PHE C 88 11.62 8.64 3.72
N CYS C 89 10.97 8.34 4.83
CA CYS C 89 10.62 6.96 5.15
C CYS C 89 9.15 6.75 4.80
N ALA C 90 8.80 5.52 4.44
CA ALA C 90 7.44 5.22 4.04
C ALA C 90 7.07 3.80 4.45
N ALA C 91 5.85 3.64 4.98
CA ALA C 91 5.43 2.34 5.52
C ALA C 91 3.94 2.11 5.39
N GLU C 92 3.56 0.84 5.19
CA GLU C 92 2.16 0.44 5.14
C GLU C 92 1.72 -0.13 6.47
N PRO C 93 0.72 0.47 7.11
CA PRO C 93 0.12 -0.25 8.24
C PRO C 93 -0.34 -1.62 7.74
N SER C 94 -0.22 -2.64 8.58
CA SER C 94 -0.61 -3.98 8.18
C SER C 94 -2.12 -4.14 8.09
N SER C 95 -2.84 -3.02 8.22
CA SER C 95 -4.28 -3.01 8.11
C SER C 95 -4.78 -2.32 6.84
N GLY C 96 -3.87 -1.97 5.95
CA GLY C 96 -4.21 -1.22 4.75
C GLY C 96 -3.44 -1.57 3.50
N GLN C 97 -3.91 -1.03 2.38
CA GLN C 97 -3.27 -1.21 1.07
C GLN C 97 -2.54 0.09 0.73
N LYS C 98 -2.51 1.01 1.68
CA LYS C 98 -1.98 2.36 1.44
C LYS C 98 -0.71 2.66 2.23
N LEU C 99 0.12 3.54 1.67
CA LEU C 99 1.40 3.91 2.25
C LEU C 99 1.29 5.17 3.11
N VAL C 100 2.18 5.31 4.09
CA VAL C 100 2.24 6.50 4.92
C VAL C 100 3.68 7.05 4.99
N PHE C 101 3.84 8.35 4.83
CA PHE C 101 5.16 8.99 4.75
C PHE C 101 5.52 9.82 5.96
N GLY C 102 6.82 9.95 6.23
CA GLY C 102 7.30 10.86 7.25
C GLY C 102 7.43 12.27 6.69
N GLN C 103 7.67 13.25 7.56
CA GLN C 103 7.77 14.64 7.13
C GLN C 103 9.03 14.87 6.30
N GLY C 104 10.02 14.01 6.47
CA GLY C 104 11.25 14.09 5.70
C GLY C 104 12.40 14.75 6.43
N THR C 105 13.61 14.48 5.97
CA THR C 105 14.80 15.10 6.52
C THR C 105 15.60 15.74 5.39
N ILE C 106 15.75 17.06 5.44
CA ILE C 106 16.58 17.76 4.47
C ILE C 106 18.04 17.65 4.83
N LEU C 107 18.79 16.84 4.07
CA LEU C 107 20.22 16.68 4.31
C LEU C 107 21.03 17.55 3.36
N LYS C 108 22.13 18.09 3.87
CA LYS C 108 22.98 18.97 3.09
C LYS C 108 24.44 18.73 3.47
N VAL C 109 25.25 18.33 2.49
CA VAL C 109 26.65 18.02 2.76
C VAL C 109 27.58 19.20 2.47
N TYR C 110 28.19 19.73 3.52
CA TYR C 110 29.13 20.84 3.39
C TYR C 110 30.48 20.35 2.87
N LEU C 111 30.95 21.01 1.82
CA LEU C 111 32.22 20.65 1.20
C LEU C 111 33.38 21.26 1.95
N HIS C 112 34.53 20.59 1.90
CA HIS C 112 35.73 21.11 2.55
C HIS C 112 36.63 21.87 1.58
N ILE C 113 36.70 23.18 1.74
CA ILE C 113 37.51 24.02 0.88
C ILE C 113 38.95 24.09 1.38
N GLN C 114 39.83 23.34 0.72
CA GLN C 114 41.24 23.27 1.10
C GLN C 114 41.93 24.63 1.07
N ASN C 115 41.96 25.25 -0.11
CA ASN C 115 42.67 26.51 -0.28
C ASN C 115 41.74 27.66 -0.70
N PRO C 116 41.06 28.29 0.25
CA PRO C 116 40.09 29.33 -0.11
C PRO C 116 40.73 30.52 -0.83
N ASP C 117 40.12 30.93 -1.94
CA ASP C 117 40.58 32.10 -2.70
C ASP C 117 39.41 32.95 -3.21
N PRO C 118 38.75 33.69 -2.32
CA PRO C 118 37.59 34.49 -2.72
C PRO C 118 37.92 35.58 -3.73
N ALA C 119 37.01 35.83 -4.67
CA ALA C 119 37.23 36.83 -5.70
C ALA C 119 35.93 37.03 -6.48
N VAL C 120 35.73 38.25 -6.97
CA VAL C 120 34.52 38.55 -7.73
C VAL C 120 34.86 39.04 -9.14
N TYR C 121 34.63 38.18 -10.12
CA TYR C 121 34.96 38.51 -11.50
C TYR C 121 33.73 39.02 -12.24
N GLN C 122 33.96 39.64 -13.39
CA GLN C 122 32.86 40.09 -14.24
C GLN C 122 32.93 39.42 -15.60
N LEU C 123 31.78 39.01 -16.13
CA LEU C 123 31.73 38.26 -17.37
C LEU C 123 30.90 38.96 -18.43
N ARG C 124 31.46 39.10 -19.62
CA ARG C 124 30.75 39.71 -20.74
C ARG C 124 29.93 38.68 -21.50
N ASP C 125 28.78 39.11 -22.00
CA ASP C 125 27.90 38.25 -22.80
C ASP C 125 28.59 37.88 -24.12
N SER C 126 28.44 36.63 -24.53
CA SER C 126 29.08 36.14 -25.75
C SER C 126 28.40 36.65 -27.02
N LYS C 127 27.18 37.15 -26.90
CA LYS C 127 26.44 37.64 -28.05
C LYS C 127 26.51 39.15 -28.20
N SER C 128 26.64 39.85 -27.07
CA SER C 128 26.73 41.31 -27.08
C SER C 128 27.46 41.81 -25.83
N SER C 129 28.32 42.80 -26.00
CA SER C 129 29.09 43.34 -24.89
C SER C 129 28.22 44.25 -24.00
N ASP C 130 26.92 44.22 -24.22
CA ASP C 130 25.99 45.05 -23.47
C ASP C 130 25.69 44.44 -22.11
N LYS C 131 25.44 43.12 -22.09
CA LYS C 131 25.08 42.42 -20.87
C LYS C 131 26.32 41.91 -20.12
N SER C 132 26.18 41.77 -18.80
CA SER C 132 27.25 41.25 -17.96
C SER C 132 26.74 40.85 -16.58
N VAL C 133 27.23 39.72 -16.08
CA VAL C 133 26.88 39.25 -14.75
C VAL C 133 28.10 39.23 -13.85
N CYS C 134 27.88 39.09 -12.55
CA CYS C 134 28.97 39.07 -11.59
C CYS C 134 29.11 37.70 -10.92
N LEU C 135 30.33 37.21 -10.89
CA LEU C 135 30.60 35.88 -10.33
C LEU C 135 31.42 35.97 -9.05
N PHE C 136 30.76 35.67 -7.93
CA PHE C 136 31.43 35.56 -6.65
C PHE C 136 31.81 34.09 -6.47
N THR C 137 33.10 33.79 -6.38
CA THR C 137 33.54 32.41 -6.38
C THR C 137 34.80 32.13 -5.56
N ASP C 138 35.00 30.86 -5.22
CA ASP C 138 36.20 30.39 -4.53
C ASP C 138 36.26 30.74 -3.05
N PHE C 139 35.13 31.14 -2.48
CA PHE C 139 35.03 31.36 -1.04
C PHE C 139 34.78 30.03 -0.34
N ASP C 140 34.95 30.00 0.98
CA ASP C 140 34.79 28.76 1.74
C ASP C 140 33.37 28.57 2.28
N SER C 141 33.08 27.35 2.72
CA SER C 141 31.73 26.98 3.16
C SER C 141 31.17 27.91 4.24
N GLN C 142 32.04 28.40 5.11
CA GLN C 142 31.63 29.31 6.18
C GLN C 142 30.77 30.45 5.65
N THR C 143 31.16 30.99 4.50
CA THR C 143 30.55 32.19 3.95
C THR C 143 29.09 32.02 3.53
N ASN C 144 28.32 33.10 3.67
CA ASN C 144 26.93 33.13 3.21
C ASN C 144 26.66 34.32 2.31
N VAL C 145 25.50 34.30 1.65
CA VAL C 145 25.16 35.33 0.68
C VAL C 145 23.71 35.79 0.81
N SER C 146 23.51 37.10 0.91
CA SER C 146 22.18 37.67 1.07
C SER C 146 21.65 38.23 -0.24
N GLN C 147 20.39 38.67 -0.23
CA GLN C 147 19.77 39.26 -1.43
C GLN C 147 19.96 40.77 -1.44
N ASP C 150 18.73 43.83 -3.38
CA ASP C 150 17.94 45.04 -3.25
C ASP C 150 17.41 45.51 -4.60
N SER C 151 16.19 46.05 -4.60
CA SER C 151 15.55 46.54 -5.83
C SER C 151 15.67 45.55 -6.99
N ASP C 152 16.17 46.00 -8.13
CA ASP C 152 16.21 45.14 -9.32
C ASP C 152 17.41 44.22 -9.33
N VAL C 153 18.16 44.23 -8.23
CA VAL C 153 19.43 43.52 -8.15
C VAL C 153 19.21 42.08 -7.69
N TYR C 154 19.64 41.14 -8.51
CA TYR C 154 19.42 39.72 -8.23
C TYR C 154 20.71 39.05 -7.78
N ILE C 155 20.59 38.19 -6.76
CA ILE C 155 21.72 37.43 -6.25
C ILE C 155 21.29 36.01 -5.93
N THR C 156 21.70 35.06 -6.77
CA THR C 156 21.35 33.65 -6.57
C THR C 156 21.94 33.15 -5.25
N ASP C 157 21.37 32.06 -4.75
CA ASP C 157 21.96 31.38 -3.61
C ASP C 157 23.30 30.80 -4.05
N LYS C 158 24.04 30.19 -3.14
CA LYS C 158 25.31 29.59 -3.48
C LYS C 158 25.13 28.13 -3.89
N CYS C 159 26.18 27.56 -4.48
CA CYS C 159 26.15 26.19 -4.96
C CYS C 159 27.56 25.76 -5.36
N VAL C 160 27.91 24.52 -5.02
CA VAL C 160 29.26 24.04 -5.24
C VAL C 160 29.37 23.12 -6.46
N LEU C 161 30.43 23.30 -7.23
CA LEU C 161 30.68 22.45 -8.38
C LEU C 161 31.93 21.61 -8.18
N ASP C 162 32.00 20.48 -8.86
CA ASP C 162 33.08 19.52 -8.66
C ASP C 162 33.85 19.24 -9.94
N MET C 163 35.04 19.82 -10.05
CA MET C 163 35.93 19.53 -11.17
C MET C 163 36.76 18.29 -10.84
N ARG C 164 36.17 17.13 -11.08
CA ARG C 164 36.78 15.87 -10.66
C ARG C 164 38.15 15.63 -11.27
N SER C 165 38.32 15.98 -12.54
CA SER C 165 39.55 15.71 -13.26
C SER C 165 40.77 16.42 -12.66
N MET C 166 40.51 17.37 -11.77
CA MET C 166 41.58 18.08 -11.09
C MET C 166 41.48 17.92 -9.58
N ASP C 167 40.62 16.99 -9.16
CA ASP C 167 40.37 16.78 -7.75
C ASP C 167 40.19 18.13 -7.07
N PHE C 168 39.31 18.94 -7.64
CA PHE C 168 39.12 20.31 -7.19
C PHE C 168 37.63 20.64 -7.08
N LYS C 169 37.28 21.39 -6.05
CA LYS C 169 35.89 21.76 -5.83
C LYS C 169 35.82 23.21 -5.37
N SER C 170 34.74 23.90 -5.73
CA SER C 170 34.62 25.32 -5.41
C SER C 170 33.16 25.78 -5.31
N ASN C 171 32.94 26.84 -4.54
CA ASN C 171 31.63 27.43 -4.41
C ASN C 171 31.47 28.61 -5.35
N SER C 172 30.25 29.08 -5.51
CA SER C 172 29.98 30.22 -6.38
C SER C 172 28.57 30.76 -6.22
N ALA C 173 28.41 32.06 -6.51
CA ALA C 173 27.11 32.71 -6.54
C ALA C 173 27.13 33.72 -7.67
N VAL C 174 25.96 34.07 -8.18
CA VAL C 174 25.89 34.99 -9.31
C VAL C 174 24.92 36.14 -9.05
N ALA C 175 25.37 37.35 -9.36
CA ALA C 175 24.53 38.53 -9.25
C ALA C 175 24.49 39.26 -10.58
N TRP C 176 23.36 39.88 -10.89
CA TRP C 176 23.21 40.62 -12.13
C TRP C 176 22.10 41.66 -12.01
N SER C 177 22.24 42.75 -12.75
CA SER C 177 21.26 43.84 -12.69
C SER C 177 21.23 44.65 -13.97
N ALA C 183 27.59 47.71 -10.56
CA ALA C 183 29.01 47.37 -10.58
C ALA C 183 29.31 46.12 -9.75
N CYS C 184 30.23 45.30 -10.22
CA CYS C 184 30.57 44.05 -9.55
C CYS C 184 31.25 44.26 -8.20
N ALA C 185 31.71 45.49 -7.96
CA ALA C 185 32.37 45.81 -6.69
C ALA C 185 31.36 45.87 -5.55
N ASN C 186 30.18 46.40 -5.82
CA ASN C 186 29.16 46.59 -4.79
C ASN C 186 28.15 45.45 -4.71
N ALA C 187 28.06 44.67 -5.80
CA ALA C 187 27.04 43.63 -5.92
C ALA C 187 26.93 42.73 -4.68
N PHE C 188 28.07 42.28 -4.18
CA PHE C 188 28.09 41.37 -3.04
C PHE C 188 28.51 42.05 -1.75
N ASN C 189 28.36 43.37 -1.71
CA ASN C 189 28.73 44.19 -0.55
C ASN C 189 29.87 43.62 0.27
N MET D 1 12.58 -2.21 -17.20
CA MET D 1 12.59 -0.75 -17.32
C MET D 1 12.60 -0.11 -15.94
N LYS D 2 12.07 1.11 -15.87
CA LYS D 2 11.86 1.81 -14.61
C LYS D 2 10.61 2.67 -14.72
N VAL D 3 10.11 3.16 -13.58
CA VAL D 3 8.90 3.97 -13.59
C VAL D 3 9.15 5.29 -14.29
N ILE D 4 8.47 5.51 -15.40
CA ILE D 4 8.65 6.73 -16.20
C ILE D 4 7.39 7.58 -16.22
N GLN D 5 7.50 8.80 -15.70
CA GLN D 5 6.37 9.72 -15.68
C GLN D 5 6.57 10.89 -16.64
N THR D 6 5.50 11.25 -17.34
CA THR D 6 5.51 12.37 -18.28
C THR D 6 4.14 13.03 -18.28
N PRO D 7 4.10 14.37 -18.41
CA PRO D 7 5.27 15.23 -18.56
C PRO D 7 5.89 15.53 -17.20
N ARG D 8 7.20 15.78 -17.18
CA ARG D 8 7.88 16.10 -15.93
C ARG D 8 7.27 17.34 -15.28
N TYR D 9 6.81 18.26 -16.12
CA TYR D 9 6.11 19.44 -15.64
C TYR D 9 4.80 19.64 -16.41
N LEU D 10 3.85 20.31 -15.79
CA LEU D 10 2.57 20.60 -16.43
C LEU D 10 1.96 21.88 -15.88
N VAL D 11 1.28 22.63 -16.75
CA VAL D 11 0.64 23.87 -16.33
C VAL D 11 -0.73 24.02 -17.01
N LYS D 12 -1.73 24.39 -16.22
CA LYS D 12 -3.09 24.51 -16.74
C LYS D 12 -3.85 25.64 -16.06
N GLY D 13 -4.79 26.21 -16.80
CA GLY D 13 -5.70 27.20 -16.23
C GLY D 13 -6.91 26.52 -15.65
N GLN D 14 -7.47 27.09 -14.58
CA GLN D 14 -8.64 26.51 -13.92
C GLN D 14 -9.69 26.07 -14.92
N GLY D 15 -10.31 24.92 -14.67
CA GLY D 15 -11.38 24.42 -15.50
C GLY D 15 -10.93 23.47 -16.59
N GLN D 16 -9.65 23.54 -16.94
CA GLN D 16 -9.07 22.66 -17.96
C GLN D 16 -8.76 21.28 -17.40
N LYS D 17 -8.82 20.27 -18.25
CA LYS D 17 -8.42 18.93 -17.85
C LYS D 17 -6.90 18.82 -17.95
N ALA D 18 -6.30 18.13 -16.99
CA ALA D 18 -4.85 17.97 -16.95
C ALA D 18 -4.47 16.50 -16.86
N LYS D 19 -4.06 15.92 -17.99
CA LYS D 19 -3.73 14.50 -18.04
C LYS D 19 -2.26 14.22 -17.72
N MET D 20 -2.02 13.10 -17.04
CA MET D 20 -0.67 12.70 -16.65
C MET D 20 -0.42 11.24 -17.00
N ARG D 21 0.75 10.97 -17.56
CA ARG D 21 1.07 9.63 -18.05
C ARG D 21 2.07 8.94 -17.13
N CYS D 22 1.95 7.61 -17.02
CA CYS D 22 2.90 6.83 -16.22
C CYS D 22 3.11 5.45 -16.78
N ILE D 23 4.38 5.05 -16.88
CA ILE D 23 4.75 3.71 -17.32
C ILE D 23 5.49 2.99 -16.21
N PRO D 24 4.95 1.85 -15.76
CA PRO D 24 5.51 1.08 -14.65
C PRO D 24 6.77 0.33 -15.04
N GLU D 25 7.44 -0.29 -14.08
CA GLU D 25 8.59 -1.15 -14.38
C GLU D 25 8.14 -2.29 -15.30
N LYS D 26 9.10 -2.94 -15.93
CA LYS D 26 8.78 -4.08 -16.79
C LYS D 26 8.34 -5.25 -15.91
N GLY D 27 7.15 -5.76 -16.19
CA GLY D 27 6.61 -6.88 -15.44
C GLY D 27 6.03 -6.47 -14.10
N HIS D 28 5.70 -5.18 -13.96
CA HIS D 28 5.08 -4.68 -12.75
C HIS D 28 3.60 -4.38 -12.98
N PRO D 29 2.72 -5.22 -12.42
CA PRO D 29 1.26 -5.11 -12.63
C PRO D 29 0.62 -4.08 -11.72
N VAL D 30 1.17 -3.88 -10.53
CA VAL D 30 0.56 -2.97 -9.56
C VAL D 30 1.06 -1.55 -9.74
N VAL D 31 0.13 -0.60 -9.85
CA VAL D 31 0.47 0.81 -10.02
C VAL D 31 -0.28 1.69 -9.02
N PHE D 32 0.45 2.59 -8.36
CA PHE D 32 -0.13 3.51 -7.40
C PHE D 32 0.01 4.96 -7.88
N TRP D 33 -0.92 5.80 -7.45
CA TRP D 33 -0.80 7.24 -7.66
C TRP D 33 -0.92 7.96 -6.31
N TYR D 34 0.11 8.74 -5.98
CA TYR D 34 0.08 9.54 -4.76
C TYR D 34 0.20 11.02 -5.07
N GLN D 35 -0.26 11.86 -4.14
CA GLN D 35 -0.15 13.30 -4.29
C GLN D 35 0.69 13.88 -3.16
N GLN D 36 1.72 14.64 -3.51
CA GLN D 36 2.56 15.32 -2.53
C GLN D 36 2.53 16.82 -2.74
N ASN D 37 2.26 17.57 -1.67
CA ASN D 37 2.24 19.03 -1.76
C ASN D 37 3.60 19.63 -1.40
N LYS D 38 3.65 20.96 -1.28
CA LYS D 38 4.89 21.64 -0.97
C LYS D 38 5.31 21.47 0.49
N ASN D 39 4.34 21.12 1.34
CA ASN D 39 4.63 20.83 2.74
C ASN D 39 5.08 19.38 2.94
N ASN D 40 5.32 18.68 1.83
CA ASN D 40 5.78 17.30 1.88
C ASN D 40 4.78 16.38 2.57
N GLU D 41 3.50 16.56 2.26
CA GLU D 41 2.44 15.71 2.78
C GLU D 41 1.86 14.87 1.66
N PHE D 42 1.85 13.55 1.84
CA PHE D 42 1.43 12.63 0.80
C PHE D 42 -0.01 12.17 0.99
N LYS D 43 -0.68 11.89 -0.13
CA LYS D 43 -2.06 11.45 -0.10
C LYS D 43 -2.31 10.37 -1.15
N PHE D 44 -2.69 9.18 -0.71
CA PHE D 44 -3.02 8.11 -1.64
C PHE D 44 -4.24 8.46 -2.48
N LEU D 45 -4.10 8.39 -3.80
CA LEU D 45 -5.20 8.70 -4.71
C LEU D 45 -5.93 7.51 -5.34
N ILE D 46 -5.17 6.57 -5.91
CA ILE D 46 -5.77 5.39 -6.53
C ILE D 46 -4.73 4.29 -6.72
N ASN D 47 -5.21 3.07 -6.88
CA ASN D 47 -4.36 1.89 -6.95
C ASN D 47 -4.85 0.95 -8.04
N PHE D 48 -3.92 0.35 -8.76
CA PHE D 48 -4.29 -0.56 -9.84
C PHE D 48 -3.47 -1.83 -9.86
N GLN D 49 -4.11 -2.92 -10.24
CA GLN D 49 -3.41 -4.12 -10.65
C GLN D 49 -3.87 -4.25 -12.08
N ASN D 50 -2.94 -4.15 -13.01
CA ASN D 50 -3.27 -4.15 -14.43
C ASN D 50 -4.41 -3.16 -14.72
N GLN D 51 -5.52 -3.64 -15.28
CA GLN D 51 -6.60 -2.74 -15.69
C GLN D 51 -7.60 -2.42 -14.57
N GLU D 52 -7.64 -3.25 -13.54
CA GLU D 52 -8.66 -3.13 -12.51
C GLU D 52 -8.25 -2.28 -11.31
N VAL D 53 -9.15 -1.40 -10.89
CA VAL D 53 -8.91 -0.58 -9.70
C VAL D 53 -9.02 -1.42 -8.43
N LEU D 54 -8.01 -1.31 -7.58
CA LEU D 54 -7.99 -2.02 -6.31
C LEU D 54 -8.63 -1.16 -5.22
N GLN D 55 -8.38 0.14 -5.27
CA GLN D 55 -8.92 1.06 -4.28
C GLN D 55 -8.72 2.51 -4.72
N GLN D 56 -9.60 3.39 -4.25
CA GLN D 56 -9.45 4.82 -4.51
C GLN D 56 -10.18 5.64 -3.46
N ILE D 57 -9.83 6.92 -3.37
CA ILE D 57 -10.48 7.83 -2.43
C ILE D 57 -11.76 8.40 -3.05
N ASP D 58 -12.48 9.19 -2.27
CA ASP D 58 -13.74 9.76 -2.75
C ASP D 58 -13.51 10.89 -3.74
N MET D 59 -12.43 11.63 -3.55
CA MET D 59 -12.08 12.73 -4.45
C MET D 59 -11.76 12.21 -5.86
N THR D 60 -10.88 11.21 -5.93
CA THR D 60 -10.46 10.66 -7.21
C THR D 60 -11.66 10.17 -8.02
N GLU D 61 -12.62 9.57 -7.34
CA GLU D 61 -13.81 9.04 -7.98
C GLU D 61 -14.58 10.15 -8.70
N LYS D 62 -14.73 11.28 -8.03
CA LYS D 62 -15.52 12.39 -8.55
C LYS D 62 -14.75 13.25 -9.55
N ARG D 63 -13.54 13.65 -9.17
CA ARG D 63 -12.80 14.66 -9.93
C ARG D 63 -11.72 14.09 -10.84
N PHE D 64 -11.26 12.88 -10.56
CA PHE D 64 -10.20 12.27 -11.36
C PHE D 64 -10.72 11.16 -12.26
N SER D 65 -9.98 10.90 -13.34
CA SER D 65 -10.25 9.78 -14.21
C SER D 65 -8.94 9.05 -14.47
N ALA D 66 -8.89 7.77 -14.12
CA ALA D 66 -7.65 7.01 -14.21
C ALA D 66 -7.84 5.67 -14.90
N GLU D 67 -6.89 5.30 -15.73
CA GLU D 67 -6.94 4.01 -16.42
C GLU D 67 -5.56 3.39 -16.49
N CYS D 68 -5.52 2.07 -16.57
CA CYS D 68 -4.31 1.36 -16.93
C CYS D 68 -4.62 0.38 -18.05
N PRO D 69 -4.94 0.93 -19.24
CA PRO D 69 -5.28 0.14 -20.43
C PRO D 69 -4.17 -0.86 -20.76
N SER D 70 -4.56 -2.08 -21.11
CA SER D 70 -3.60 -3.10 -21.50
C SER D 70 -2.66 -2.56 -22.57
N ASN D 71 -1.41 -3.00 -22.53
CA ASN D 71 -0.42 -2.54 -23.50
C ASN D 71 -0.56 -1.05 -23.78
N SER D 72 -0.48 -0.26 -22.71
CA SER D 72 -0.70 1.17 -22.77
C SER D 72 -0.29 1.77 -21.43
N PRO D 73 0.14 3.03 -21.41
CA PRO D 73 0.61 3.63 -20.17
C PRO D 73 -0.55 4.03 -19.28
N CYS D 74 -0.45 3.73 -17.98
CA CYS D 74 -1.46 4.16 -17.02
C CYS D 74 -1.56 5.68 -17.09
N SER D 75 -2.77 6.21 -16.91
CA SER D 75 -2.96 7.64 -16.95
C SER D 75 -3.83 8.13 -15.79
N LEU D 76 -3.67 9.41 -15.46
CA LEU D 76 -4.44 10.02 -14.39
C LEU D 76 -4.82 11.42 -14.84
N GLU D 77 -6.12 11.66 -15.02
CA GLU D 77 -6.58 12.91 -15.59
C GLU D 77 -7.51 13.65 -14.63
N ILE D 78 -7.18 14.89 -14.34
CA ILE D 78 -8.07 15.76 -13.60
C ILE D 78 -9.08 16.34 -14.59
N GLN D 79 -10.36 16.30 -14.22
CA GLN D 79 -11.42 16.72 -15.15
C GLN D 79 -11.65 18.22 -15.15
N SER D 80 -11.46 18.87 -14.01
CA SER D 80 -11.57 20.32 -13.92
C SER D 80 -10.59 20.85 -12.88
N SER D 81 -9.47 21.36 -13.36
CA SER D 81 -8.37 21.76 -12.50
C SER D 81 -8.69 22.92 -11.56
N GLU D 82 -8.19 22.82 -10.34
CA GLU D 82 -8.32 23.89 -9.34
C GLU D 82 -6.94 24.25 -8.83
N ALA D 83 -6.82 25.42 -8.22
CA ALA D 83 -5.54 25.86 -7.65
C ALA D 83 -5.01 24.85 -6.64
N GLY D 84 -5.92 24.14 -5.99
CA GLY D 84 -5.56 23.17 -4.98
C GLY D 84 -5.10 21.84 -5.54
N ASP D 85 -5.15 21.71 -6.86
CA ASP D 85 -4.67 20.51 -7.54
C ASP D 85 -3.18 20.61 -7.81
N SER D 86 -2.61 21.78 -7.50
CA SER D 86 -1.19 22.02 -7.69
C SER D 86 -0.37 21.24 -6.68
N ALA D 87 0.36 20.24 -7.17
CA ALA D 87 1.21 19.41 -6.32
C ALA D 87 2.03 18.47 -7.19
N LEU D 88 2.82 17.62 -6.55
CA LEU D 88 3.60 16.63 -7.27
C LEU D 88 2.84 15.31 -7.32
N TYR D 89 2.60 14.81 -8.52
CA TYR D 89 1.88 13.55 -8.69
C TYR D 89 2.82 12.36 -8.89
N LEU D 90 3.01 11.60 -7.81
CA LEU D 90 3.92 10.48 -7.82
C LEU D 90 3.23 9.18 -8.22
N CYS D 91 3.83 8.47 -9.17
CA CYS D 91 3.36 7.17 -9.58
C CYS D 91 4.37 6.12 -9.12
N ALA D 92 3.87 5.00 -8.60
CA ALA D 92 4.76 3.94 -8.11
C ALA D 92 4.28 2.57 -8.57
N SER D 93 5.21 1.70 -8.90
CA SER D 93 4.85 0.36 -9.36
C SER D 93 5.33 -0.73 -8.40
N SER D 94 4.74 -1.90 -8.52
CA SER D 94 5.07 -3.03 -7.67
C SER D 94 4.94 -4.33 -8.44
N LEU D 95 5.73 -5.33 -8.05
CA LEU D 95 5.74 -6.62 -8.72
C LEU D 95 4.59 -7.51 -8.24
N ASN D 96 4.27 -7.40 -6.95
CA ASN D 96 3.32 -8.29 -6.31
C ASN D 96 2.40 -7.53 -5.37
N ASN D 97 1.09 -7.68 -5.55
CA ASN D 97 0.12 -6.96 -4.73
C ASN D 97 0.31 -7.23 -3.23
N ALA D 98 0.83 -8.39 -2.91
CA ALA D 98 1.17 -8.76 -1.54
C ALA D 98 2.30 -7.90 -1.00
N ASN D 99 3.25 -7.58 -1.87
CA ASN D 99 4.45 -6.82 -1.54
C ASN D 99 4.28 -5.33 -1.23
N SER D 100 5.18 -4.81 -0.39
CA SER D 100 5.21 -3.38 -0.04
C SER D 100 6.46 -2.65 -0.56
N ASP D 101 7.11 -3.25 -1.55
CA ASP D 101 8.36 -2.77 -2.13
C ASP D 101 8.04 -1.95 -3.37
N TYR D 102 7.79 -0.67 -3.18
CA TYR D 102 7.36 0.19 -4.27
C TYR D 102 8.50 0.99 -4.88
N THR D 103 8.41 1.21 -6.18
CA THR D 103 9.38 2.05 -6.89
C THR D 103 8.67 3.27 -7.45
N PHE D 104 9.08 4.45 -7.01
CA PHE D 104 8.47 5.70 -7.46
C PHE D 104 9.14 6.22 -8.72
N GLY D 105 8.37 6.96 -9.51
CA GLY D 105 8.90 7.61 -10.70
C GLY D 105 9.28 9.04 -10.41
N SER D 106 9.67 9.79 -11.43
CA SER D 106 10.10 11.17 -11.24
C SER D 106 8.93 12.03 -10.76
N GLY D 107 7.75 11.76 -11.30
CA GLY D 107 6.57 12.51 -10.94
C GLY D 107 6.24 13.61 -11.94
N THR D 108 5.03 14.13 -11.85
CA THR D 108 4.61 15.25 -12.69
C THR D 108 4.28 16.45 -11.83
N ARG D 109 4.99 17.55 -12.07
CA ARG D 109 4.76 18.78 -11.30
C ARG D 109 3.68 19.62 -11.96
N LEU D 110 2.46 19.50 -11.46
CA LEU D 110 1.34 20.25 -12.00
C LEU D 110 1.18 21.60 -11.33
N LEU D 111 0.91 22.63 -12.13
CA LEU D 111 0.59 23.95 -11.61
C LEU D 111 -0.72 24.43 -12.23
N VAL D 112 -1.63 24.91 -11.39
CA VAL D 112 -2.90 25.44 -11.87
C VAL D 112 -2.98 26.94 -11.60
N ILE D 113 -3.15 27.70 -12.67
CA ILE D 113 -3.17 29.17 -12.59
C ILE D 113 -4.48 29.70 -13.17
N GLU D 114 -4.86 30.91 -12.79
CA GLU D 114 -6.10 31.51 -13.27
C GLU D 114 -6.23 31.45 -14.79
N ASP D 115 -5.19 31.87 -15.49
CA ASP D 115 -5.21 31.82 -16.95
C ASP D 115 -3.79 31.65 -17.54
N LEU D 116 -3.68 31.07 -18.72
CA LEU D 116 -2.35 30.78 -19.26
C LEU D 116 -1.59 32.05 -19.63
N LYS D 117 -2.30 33.17 -19.55
CA LYS D 117 -1.89 34.44 -20.13
C LYS D 117 -0.45 34.81 -19.79
N ASN D 118 0.00 34.44 -18.60
CA ASN D 118 1.32 34.82 -18.11
C ASN D 118 2.43 33.84 -18.43
N VAL D 119 2.16 32.92 -19.36
CA VAL D 119 3.14 31.90 -19.72
C VAL D 119 4.19 32.42 -20.68
N PHE D 120 5.39 32.68 -20.16
CA PHE D 120 6.51 33.13 -20.97
C PHE D 120 7.69 32.17 -20.92
N PRO D 121 8.24 31.82 -22.09
CA PRO D 121 9.44 30.98 -22.17
C PRO D 121 10.63 31.70 -21.55
N PRO D 122 11.75 31.01 -21.37
CA PRO D 122 12.95 31.65 -20.83
C PRO D 122 13.76 32.32 -21.93
N GLU D 123 14.45 33.41 -21.57
CA GLU D 123 15.45 33.96 -22.45
C GLU D 123 16.81 33.52 -21.91
N VAL D 124 17.63 32.92 -22.76
CA VAL D 124 18.86 32.29 -22.31
C VAL D 124 20.11 32.97 -22.87
N ALA D 125 21.03 33.30 -21.98
CA ALA D 125 22.30 33.90 -22.38
C ALA D 125 23.47 33.20 -21.71
N VAL D 126 24.60 33.14 -22.42
CA VAL D 126 25.83 32.55 -21.89
C VAL D 126 26.90 33.63 -21.76
N PHE D 127 27.53 33.71 -20.60
CA PHE D 127 28.54 34.72 -20.33
C PHE D 127 29.93 34.09 -20.26
N GLU D 128 30.87 34.69 -20.96
CA GLU D 128 32.21 34.11 -21.12
C GLU D 128 33.12 34.39 -19.94
N PRO D 129 34.07 33.48 -19.68
CA PRO D 129 35.02 33.56 -18.57
C PRO D 129 35.76 34.90 -18.53
N SER D 130 36.02 35.39 -17.33
CA SER D 130 36.73 36.67 -17.18
C SER D 130 38.23 36.48 -17.29
N GLU D 131 38.90 37.41 -17.96
CA GLU D 131 40.36 37.37 -18.10
C GLU D 131 41.01 37.30 -16.74
N ALA D 132 40.44 38.02 -15.78
CA ALA D 132 40.98 38.06 -14.42
C ALA D 132 41.02 36.66 -13.82
N GLU D 133 39.90 35.96 -13.85
CA GLU D 133 39.83 34.61 -13.29
C GLU D 133 40.82 33.68 -13.97
N ILE D 134 40.91 33.80 -15.30
CA ILE D 134 41.80 32.93 -16.07
C ILE D 134 43.26 33.07 -15.65
N SER D 135 43.70 34.31 -15.48
CA SER D 135 45.09 34.56 -15.10
C SER D 135 45.36 34.24 -13.64
N HIS D 136 44.38 34.49 -12.78
CA HIS D 136 44.53 34.32 -11.34
C HIS D 136 44.37 32.87 -10.88
N THR D 137 43.62 32.07 -11.63
CA THR D 137 43.33 30.70 -11.22
C THR D 137 43.62 29.66 -12.30
N GLN D 138 43.78 30.12 -13.54
CA GLN D 138 44.01 29.21 -14.66
C GLN D 138 42.80 28.29 -14.87
N LYS D 139 41.63 28.78 -14.47
CA LYS D 139 40.37 28.08 -14.69
C LYS D 139 39.35 29.03 -15.30
N ALA D 140 38.50 28.51 -16.18
CA ALA D 140 37.52 29.34 -16.86
C ALA D 140 36.10 28.95 -16.45
N THR D 141 35.34 29.93 -15.97
CA THR D 141 33.98 29.67 -15.52
C THR D 141 32.95 30.34 -16.43
N LEU D 142 32.13 29.53 -17.09
CA LEU D 142 31.02 30.06 -17.86
C LEU D 142 29.80 30.17 -16.96
N VAL D 143 28.98 31.18 -17.20
CA VAL D 143 27.70 31.31 -16.51
C VAL D 143 26.55 31.36 -17.51
N CYS D 144 25.52 30.57 -17.25
CA CYS D 144 24.31 30.64 -18.07
C CYS D 144 23.21 31.31 -17.28
N LEU D 145 22.38 32.10 -17.97
CA LEU D 145 21.24 32.74 -17.35
C LEU D 145 19.97 32.52 -18.15
N ALA D 146 18.98 31.92 -17.51
CA ALA D 146 17.65 31.83 -18.08
C ALA D 146 16.79 32.84 -17.32
N THR D 147 16.10 33.72 -18.05
CA THR D 147 15.40 34.83 -17.41
C THR D 147 14.01 35.07 -17.99
N GLY D 148 13.14 35.65 -17.15
CA GLY D 148 11.80 36.04 -17.56
C GLY D 148 10.94 34.89 -18.06
N PHE D 149 10.98 33.77 -17.35
CA PHE D 149 10.13 32.64 -17.70
C PHE D 149 9.10 32.34 -16.63
N TYR D 150 7.98 31.75 -17.03
CA TYR D 150 6.89 31.43 -16.12
C TYR D 150 5.99 30.37 -16.73
N PRO D 151 5.66 29.33 -15.95
CA PRO D 151 6.08 29.16 -14.55
C PRO D 151 7.54 28.72 -14.45
N ASP D 152 7.97 28.40 -13.24
CA ASP D 152 9.33 27.95 -13.04
C ASP D 152 9.39 26.47 -13.36
N HIS D 153 9.08 26.15 -14.61
CA HIS D 153 9.17 24.78 -15.10
C HIS D 153 10.26 24.65 -16.17
N VAL D 154 11.51 24.52 -15.75
CA VAL D 154 12.63 24.45 -16.68
C VAL D 154 13.64 23.36 -16.35
N GLU D 155 14.28 22.83 -17.39
CA GLU D 155 15.37 21.86 -17.23
C GLU D 155 16.63 22.40 -17.90
N LEU D 156 17.64 22.72 -17.11
CA LEU D 156 18.87 23.29 -17.65
C LEU D 156 19.98 22.25 -17.79
N SER D 157 20.64 22.23 -18.93
CA SER D 157 21.74 21.31 -19.16
C SER D 157 22.87 21.98 -19.94
N TRP D 158 24.10 21.53 -19.69
CA TRP D 158 25.26 22.01 -20.44
C TRP D 158 25.67 20.99 -21.50
N TRP D 159 26.01 21.49 -22.68
CA TRP D 159 26.49 20.62 -23.75
C TRP D 159 27.84 21.09 -24.25
N VAL D 160 28.81 20.18 -24.29
CA VAL D 160 30.16 20.50 -24.73
C VAL D 160 30.63 19.50 -25.77
N ASN D 161 30.99 19.99 -26.95
CA ASN D 161 31.44 19.14 -28.04
C ASN D 161 30.47 18.00 -28.32
N GLY D 162 29.18 18.33 -28.37
CA GLY D 162 28.13 17.38 -28.72
C GLY D 162 27.87 16.31 -27.68
N LYS D 163 27.77 16.73 -26.42
CA LYS D 163 27.64 15.77 -25.32
C LYS D 163 27.27 16.50 -24.03
N GLU D 164 26.25 16.02 -23.33
CA GLU D 164 25.85 16.62 -22.07
C GLU D 164 26.95 16.41 -21.02
N VAL D 165 27.14 17.40 -20.17
CA VAL D 165 28.18 17.33 -19.14
C VAL D 165 27.63 17.64 -17.75
N HIS D 166 28.15 16.93 -16.75
CA HIS D 166 27.78 17.13 -15.36
C HIS D 166 28.98 17.52 -14.49
N SER D 167 30.16 17.06 -14.88
CA SER D 167 31.40 17.39 -14.20
C SER D 167 31.71 18.88 -14.38
N GLY D 168 31.99 19.56 -13.26
CA GLY D 168 32.30 20.97 -13.30
C GLY D 168 31.07 21.85 -13.40
N VAL D 169 29.90 21.23 -13.26
CA VAL D 169 28.64 21.95 -13.35
C VAL D 169 27.94 22.03 -12.00
N CYS D 170 27.17 23.08 -11.80
CA CYS D 170 26.23 23.16 -10.69
C CYS D 170 25.19 24.22 -10.98
N THR D 171 23.93 23.90 -10.71
CA THR D 171 22.83 24.80 -11.03
C THR D 171 22.08 25.21 -9.77
N ASP D 172 21.68 26.48 -9.72
CA ASP D 172 20.90 26.99 -8.61
C ASP D 172 19.84 25.98 -8.18
N PRO D 173 19.75 25.72 -6.87
CA PRO D 173 18.79 24.78 -6.30
C PRO D 173 17.37 25.05 -6.79
N GLN D 174 16.96 26.31 -6.79
CA GLN D 174 15.63 26.68 -7.24
C GLN D 174 15.67 28.02 -7.98
N PRO D 175 14.85 28.16 -9.03
CA PRO D 175 14.72 29.43 -9.76
C PRO D 175 14.23 30.53 -8.84
N LEU D 176 14.79 31.73 -8.95
CA LEU D 176 14.36 32.85 -8.12
C LEU D 176 13.38 33.76 -8.85
N LYS D 177 12.62 34.54 -8.08
CA LYS D 177 11.66 35.48 -8.66
C LYS D 177 12.31 36.80 -8.98
N GLU D 178 12.08 37.29 -10.20
CA GLU D 178 12.62 38.57 -10.64
C GLU D 178 11.96 39.71 -9.87
N GLN D 179 10.73 39.44 -9.45
CA GLN D 179 9.98 40.34 -8.60
C GLN D 179 9.18 39.50 -7.62
N PRO D 180 9.60 39.50 -6.37
CA PRO D 180 8.86 38.82 -5.30
C PRO D 180 7.41 39.28 -5.18
N ALA D 181 7.16 40.54 -5.48
CA ALA D 181 5.80 41.08 -5.46
C ALA D 181 4.92 40.41 -6.51
N ASP D 184 2.09 36.92 -8.11
CA ASP D 184 3.01 36.08 -8.86
C ASP D 184 4.19 36.89 -9.40
N SER D 185 5.06 36.22 -10.15
CA SER D 185 6.25 36.84 -10.72
C SER D 185 6.84 35.99 -11.85
N ARG D 186 7.70 36.59 -12.67
CA ARG D 186 8.45 35.85 -13.67
C ARG D 186 9.80 35.44 -13.09
N TYR D 187 10.31 34.29 -13.51
CA TYR D 187 11.46 33.67 -12.85
C TYR D 187 12.79 33.82 -13.59
N ALA D 188 13.86 33.47 -12.88
CA ALA D 188 15.21 33.46 -13.45
C ALA D 188 16.04 32.34 -12.83
N LEU D 189 16.97 31.80 -13.61
CA LEU D 189 17.81 30.71 -13.15
C LEU D 189 19.20 30.78 -13.79
N SER D 190 20.24 30.50 -13.00
CA SER D 190 21.59 30.51 -13.52
C SER D 190 22.30 29.18 -13.25
N SER D 191 23.30 28.88 -14.07
CA SER D 191 24.08 27.66 -13.90
C SER D 191 25.56 27.91 -14.22
N ARG D 192 26.44 27.19 -13.52
CA ARG D 192 27.87 27.35 -13.72
C ARG D 192 28.49 26.11 -14.35
N LEU D 193 29.35 26.34 -15.34
CA LEU D 193 30.20 25.29 -15.88
C LEU D 193 31.63 25.77 -15.84
N ARG D 194 32.50 25.02 -15.15
CA ARG D 194 33.89 25.42 -15.01
C ARG D 194 34.83 24.44 -15.70
N VAL D 195 35.75 24.97 -16.49
CA VAL D 195 36.74 24.15 -17.18
C VAL D 195 38.13 24.75 -17.01
N SER D 196 39.15 23.96 -17.31
CA SER D 196 40.51 24.47 -17.25
C SER D 196 40.68 25.58 -18.28
N ALA D 197 41.49 26.58 -17.96
CA ALA D 197 41.72 27.70 -18.86
C ALA D 197 42.06 27.21 -20.26
N THR D 198 42.92 26.22 -20.34
CA THR D 198 43.33 25.66 -21.62
C THR D 198 42.15 25.16 -22.44
N PHE D 199 41.29 24.36 -21.81
CA PHE D 199 40.13 23.80 -22.51
C PHE D 199 39.24 24.90 -23.08
N TRP D 200 39.14 26.01 -22.37
CA TRP D 200 38.36 27.13 -22.85
C TRP D 200 39.06 27.85 -23.98
N GLN D 201 40.38 27.92 -23.90
CA GLN D 201 41.18 28.62 -24.90
C GLN D 201 41.25 27.87 -26.23
N ASN D 202 40.90 26.59 -26.20
CA ASN D 202 40.87 25.78 -27.41
C ASN D 202 39.64 26.07 -28.27
N PRO D 203 39.85 26.64 -29.46
CA PRO D 203 38.77 27.05 -30.38
C PRO D 203 38.04 25.86 -30.99
N ARG D 204 38.51 24.65 -30.72
CA ARG D 204 37.85 23.45 -31.21
C ARG D 204 36.74 23.01 -30.26
N ASN D 205 36.68 23.66 -29.10
CA ASN D 205 35.67 23.35 -28.10
C ASN D 205 34.47 24.29 -28.19
N HIS D 206 33.27 23.72 -28.11
CA HIS D 206 32.05 24.47 -28.25
C HIS D 206 31.15 24.29 -27.03
N PHE D 207 30.64 25.39 -26.51
CA PHE D 207 29.83 25.36 -25.28
C PHE D 207 28.40 25.81 -25.54
N ARG D 208 27.45 25.05 -25.01
CA ARG D 208 26.04 25.41 -25.15
C ARG D 208 25.25 25.17 -23.87
N CYS D 209 24.47 26.17 -23.49
CA CYS D 209 23.57 26.05 -22.35
C CYS D 209 22.15 25.81 -22.88
N GLN D 210 21.60 24.65 -22.56
CA GLN D 210 20.33 24.23 -23.14
C GLN D 210 19.24 24.18 -22.07
N VAL D 211 18.21 24.99 -22.26
CA VAL D 211 17.11 25.06 -21.29
C VAL D 211 15.78 24.58 -21.87
N GLN D 212 15.29 23.46 -21.37
CA GLN D 212 13.98 22.95 -21.75
C GLN D 212 12.90 23.68 -20.99
N PHE D 213 11.91 24.20 -21.71
CA PHE D 213 10.78 24.87 -21.08
C PHE D 213 9.51 24.06 -21.28
N TYR D 214 8.73 23.95 -20.22
CA TYR D 214 7.45 23.25 -20.30
C TYR D 214 6.30 24.27 -20.28
N GLY D 215 5.58 24.36 -21.39
CA GLY D 215 4.53 25.36 -21.53
C GLY D 215 3.23 24.80 -22.08
N LEU D 216 2.78 25.33 -23.21
CA LEU D 216 1.52 24.92 -23.80
C LEU D 216 1.73 23.90 -24.92
N SER D 217 0.64 23.37 -25.44
CA SER D 217 0.71 22.35 -26.50
C SER D 217 0.27 22.90 -27.85
N ASP D 220 -3.10 22.29 -27.51
CA ASP D 220 -3.57 23.44 -26.74
C ASP D 220 -4.09 24.55 -27.64
N GLU D 221 -4.51 25.65 -27.03
CA GLU D 221 -5.17 26.73 -27.74
C GLU D 221 -4.60 28.07 -27.30
N TRP D 222 -4.26 28.92 -28.28
CA TRP D 222 -3.60 30.20 -27.99
C TRP D 222 -4.31 31.37 -28.67
N THR D 223 -4.88 32.26 -27.87
CA THR D 223 -5.54 33.44 -28.39
C THR D 223 -4.89 34.73 -27.88
N GLN D 224 -3.76 35.08 -28.48
CA GLN D 224 -3.02 36.29 -28.13
C GLN D 224 -2.05 36.59 -29.28
N ASP D 225 -1.65 37.85 -29.43
CA ASP D 225 -0.86 38.28 -30.59
C ASP D 225 0.51 37.57 -30.71
N ARG D 226 1.26 37.54 -29.62
CA ARG D 226 2.59 36.91 -29.62
C ARG D 226 2.52 35.40 -29.95
N ALA D 227 3.68 34.81 -30.24
CA ALA D 227 3.75 33.41 -30.64
C ALA D 227 3.36 32.53 -29.46
N LYS D 228 2.80 31.36 -29.76
CA LYS D 228 2.38 30.42 -28.72
C LYS D 228 3.56 29.96 -27.87
N PRO D 229 3.56 30.32 -26.58
CA PRO D 229 4.64 29.95 -25.67
C PRO D 229 4.61 28.47 -25.33
N VAL D 230 4.75 27.64 -26.37
CA VAL D 230 4.69 26.19 -26.22
C VAL D 230 5.91 25.63 -25.53
N THR D 231 5.81 24.36 -25.13
CA THR D 231 6.96 23.62 -24.64
C THR D 231 8.06 23.64 -25.70
N GLN D 232 9.18 24.28 -25.37
CA GLN D 232 10.26 24.45 -26.33
C GLN D 232 11.62 24.42 -25.65
N ILE D 233 12.67 24.39 -26.47
CA ILE D 233 14.04 24.42 -25.96
C ILE D 233 14.72 25.72 -26.37
N VAL D 234 15.08 26.54 -25.38
CA VAL D 234 15.81 27.78 -25.65
C VAL D 234 17.28 27.61 -25.24
N SER D 235 18.18 28.00 -26.13
CA SER D 235 19.59 27.67 -25.99
C SER D 235 20.50 28.86 -26.27
N ALA D 236 21.73 28.81 -25.75
CA ALA D 236 22.70 29.87 -25.99
C ALA D 236 24.10 29.27 -26.17
N GLU D 237 24.92 29.92 -26.99
CA GLU D 237 26.23 29.37 -27.35
C GLU D 237 27.42 30.26 -27.00
N ALA D 238 28.55 29.62 -26.76
CA ALA D 238 29.82 30.32 -26.56
C ALA D 238 30.93 29.52 -27.22
N TRP D 239 31.98 30.22 -27.64
CA TRP D 239 33.08 29.59 -28.37
C TRP D 239 34.41 29.76 -27.65
N GLY D 240 35.31 28.79 -27.84
CA GLY D 240 36.62 28.85 -27.25
C GLY D 240 37.53 29.85 -27.95
N ARG D 241 37.76 31.00 -27.32
CA ARG D 241 38.70 31.98 -27.84
C ARG D 241 40.09 31.71 -27.25
N ALA D 242 41.12 32.17 -27.95
CA ALA D 242 42.49 31.96 -27.47
C ALA D 242 43.15 33.28 -27.11
N ALA E 1 -11.30 0.03 19.65
CA ALA E 1 -11.58 -0.51 18.33
C ALA E 1 -10.35 -0.43 17.42
N ASP E 2 -9.33 -1.22 17.75
CA ASP E 2 -8.10 -1.24 16.97
C ASP E 2 -8.33 -1.84 15.57
N LEU E 3 -7.42 -1.56 14.66
CA LEU E 3 -7.57 -2.01 13.28
C LEU E 3 -6.96 -3.40 13.02
N ILE E 4 -7.80 -4.33 12.59
CA ILE E 4 -7.39 -5.69 12.32
C ILE E 4 -6.51 -5.79 11.07
N ALA E 5 -5.43 -6.55 11.17
CA ALA E 5 -4.51 -6.74 10.05
C ALA E 5 -4.93 -7.92 9.19
N TYR E 6 -4.47 -7.94 7.94
CA TYR E 6 -4.81 -9.02 7.02
C TYR E 6 -3.73 -9.19 5.97
N LEU E 7 -3.64 -10.39 5.39
CA LEU E 7 -2.72 -10.62 4.28
C LEU E 7 -3.28 -10.09 2.97
N LYS E 8 -2.49 -9.29 2.27
CA LYS E 8 -2.88 -8.83 0.94
C LYS E 8 -2.67 -9.96 -0.05
N GLN E 9 -3.68 -10.23 -0.86
CA GLN E 9 -3.59 -11.34 -1.80
C GLN E 9 -2.43 -11.14 -2.77
N ALA E 10 -1.73 -12.22 -3.08
CA ALA E 10 -0.55 -12.16 -3.95
C ALA E 10 -0.92 -12.35 -5.42
N THR E 11 -0.14 -11.72 -6.29
CA THR E 11 -0.39 -11.77 -7.73
C THR E 11 0.15 -13.04 -8.35
N LYS E 12 -0.70 -13.75 -9.10
CA LYS E 12 -0.26 -14.91 -9.86
C LYS E 12 -0.01 -14.54 -11.32
N GLY E 13 0.73 -15.40 -12.02
CA GLY E 13 1.03 -15.18 -13.42
C GLY E 13 2.37 -14.52 -13.63
#